data_8U9G
#
_entry.id   8U9G
#
_cell.length_a   58.196
_cell.length_b   85.432
_cell.length_c   84.075
_cell.angle_alpha   90.00
_cell.angle_beta   90.01
_cell.angle_gamma   90.00
#
_symmetry.space_group_name_H-M   'P 1 21 1'
#
loop_
_entity.id
_entity.type
_entity.pdbx_description
1 polymer 'HLA-A*02:01 alpha chain'
2 polymer Beta-2-microglobulin
3 polymer 'Sorting nexin 24 (127-135)(P132L) peptide'
4 non-polymer DI(HYDROXYETHYL)ETHER
5 non-polymer '2-(N-MORPHOLINO)-ETHANESULFONIC ACID'
6 non-polymer GLYCEROL
7 water water
#
loop_
_entity_poly.entity_id
_entity_poly.type
_entity_poly.pdbx_seq_one_letter_code
_entity_poly.pdbx_strand_id
1 'polypeptide(L)'
;GSHSMRYFFTSVSRPGRGEPRFIAVGYVDDTQFVRFDSDAASQRMEPRAPWIEQEGPEYWDGETRKVKAHSQTHRVDLGT
LRGYYNQSEAGSHTVQRMYGCDVGSDWRFLRGYHQYAYDGKDYIALKEDLRSWTAADMAAQTTKHKWEAAHVAEQLRAYL
EGTCVEWLRRYLENGKETLQRTDAPKTHMTHHAVSDHEATLRCWALSFYPAEITLTWQRDGEDQTQDTELVETRPAGDGT
FQKWAAVVVPSGQEQRYTCHVQHEGLPKPLTLRWE
;
A,D
2 'polypeptide(L)'
;MIQRTPKIQVYSRHPAENGKSNFLNCYVSGFHPSDIEVDLLKNGERIEKVEHSDLSFSKDWSFYLLYYTEFTPTEKDEYA
CRVNHVTLSQPKIVKWDRDM
;
B,E
3 'polypeptide(L)' KLSHQLVLL C,F
#
loop_
_chem_comp.id
_chem_comp.type
_chem_comp.name
_chem_comp.formula
GOL non-polymer GLYCEROL 'C3 H8 O3'
MES non-polymer '2-(N-MORPHOLINO)-ETHANESULFONIC ACID' 'C6 H13 N O4 S'
PEG non-polymer DI(HYDROXYETHYL)ETHER 'C4 H10 O3'
#
# COMPACT_ATOMS: atom_id res chain seq x y z
N GLY A 1 5.25 7.34 3.57
CA GLY A 1 3.91 6.85 3.88
C GLY A 1 3.65 5.35 3.85
N SER A 2 4.68 4.52 3.84
CA SER A 2 4.45 3.10 3.74
C SER A 2 4.36 2.61 5.15
N HIS A 3 3.67 1.49 5.35
CA HIS A 3 3.30 0.98 6.65
C HIS A 3 3.34 -0.52 6.55
N SER A 4 3.52 -1.16 7.69
CA SER A 4 3.55 -2.60 7.86
C SER A 4 2.80 -2.90 9.14
N MET A 5 2.18 -4.06 9.19
CA MET A 5 1.80 -4.70 10.43
C MET A 5 2.53 -6.03 10.49
N ARG A 6 3.08 -6.37 11.65
CA ARG A 6 3.84 -7.61 11.79
C ARG A 6 3.60 -8.22 13.16
N TYR A 7 3.43 -9.54 13.18
CA TYR A 7 3.33 -10.32 14.40
C TYR A 7 4.58 -11.18 14.53
N PHE A 8 5.15 -11.22 15.73
CA PHE A 8 6.38 -11.98 16.01
C PHE A 8 6.13 -12.98 17.13
N PHE A 9 6.50 -14.24 16.90
CA PHE A 9 6.27 -15.31 17.88
C PHE A 9 7.57 -16.03 18.17
N THR A 10 7.77 -16.36 19.45
CA THR A 10 8.95 -17.08 19.91
C THR A 10 8.51 -18.16 20.89
N SER A 11 8.86 -19.40 20.61
CA SER A 11 8.62 -20.50 21.55
C SER A 11 9.94 -21.21 21.79
N VAL A 12 10.25 -21.47 23.05
CA VAL A 12 11.54 -22.00 23.46
C VAL A 12 11.26 -23.17 24.40
N SER A 13 11.74 -24.36 24.05
CA SER A 13 11.53 -25.51 24.89
C SER A 13 12.48 -25.45 26.09
N ARG A 14 12.04 -26.01 27.21
CA ARG A 14 12.85 -26.05 28.43
C ARG A 14 12.67 -27.42 29.05
N PRO A 15 13.47 -28.39 28.63
CA PRO A 15 13.34 -29.79 29.08
C PRO A 15 13.21 -29.98 30.59
N GLY A 16 12.16 -30.68 31.02
CA GLY A 16 11.92 -30.99 32.43
C GLY A 16 11.78 -29.78 33.32
N ARG A 17 11.46 -28.62 32.75
CA ARG A 17 11.17 -27.40 33.48
C ARG A 17 9.89 -26.77 32.94
N GLY A 18 8.95 -27.60 32.51
CA GLY A 18 7.60 -27.20 32.16
C GLY A 18 7.38 -27.14 30.65
N GLU A 19 6.24 -26.55 30.28
CA GLU A 19 5.87 -26.36 28.89
C GLU A 19 6.78 -25.29 28.26
N PRO A 20 6.89 -25.28 26.93
CA PRO A 20 7.73 -24.25 26.29
C PRO A 20 7.25 -22.87 26.68
N ARG A 21 8.16 -21.90 26.67
CA ARG A 21 7.78 -20.51 26.87
C ARG A 21 7.43 -19.86 25.54
N PHE A 22 6.25 -19.28 25.49
CA PHE A 22 5.73 -18.60 24.31
C PHE A 22 5.65 -17.11 24.61
N ILE A 23 6.25 -16.30 23.72
CA ILE A 23 6.10 -14.85 23.78
C ILE A 23 5.68 -14.38 22.40
N ALA A 24 4.69 -13.50 22.35
CA ALA A 24 4.19 -12.95 21.10
C ALA A 24 4.07 -11.45 21.22
N VAL A 25 4.46 -10.73 20.17
CA VAL A 25 4.28 -9.28 20.10
C VAL A 25 3.75 -8.90 18.73
N GLY A 26 3.02 -7.79 18.70
CA GLY A 26 2.48 -7.23 17.45
C GLY A 26 2.93 -5.79 17.28
N TYR A 27 3.23 -5.43 16.04
CA TYR A 27 3.75 -4.10 15.72
C TYR A 27 2.96 -3.49 14.57
N VAL A 28 2.75 -2.18 14.64
CA VAL A 28 2.45 -1.37 13.47
C VAL A 28 3.66 -0.49 13.21
N ASP A 29 4.28 -0.66 12.04
CA ASP A 29 5.58 -0.06 11.78
C ASP A 29 6.52 -0.35 12.95
N ASP A 30 7.05 0.68 13.58
CA ASP A 30 8.01 0.51 14.67
C ASP A 30 7.39 0.72 16.05
N THR A 31 6.09 0.49 16.18
CA THR A 31 5.37 0.72 17.43
C THR A 31 4.69 -0.57 17.87
N GLN A 32 5.07 -1.09 19.04
CA GLN A 32 4.42 -2.28 19.58
C GLN A 32 3.03 -1.95 20.11
N PHE A 33 2.06 -2.85 19.85
CA PHE A 33 0.71 -2.61 20.33
C PHE A 33 0.04 -3.77 21.08
N VAL A 34 0.55 -5.01 21.01
CA VAL A 34 0.01 -6.11 21.79
C VAL A 34 1.16 -7.02 22.23
N ARG A 35 0.95 -7.72 23.35
CA ARG A 35 1.86 -8.76 23.80
C ARG A 35 1.10 -9.94 24.40
N PHE A 36 1.73 -11.11 24.35
CA PHE A 36 1.33 -12.28 25.13
C PHE A 36 2.57 -12.98 25.68
N ASP A 37 2.55 -13.29 26.97
CA ASP A 37 3.62 -14.04 27.60
C ASP A 37 3.01 -15.23 28.35
N SER A 38 3.41 -16.45 27.97
CA SER A 38 2.82 -17.65 28.55
C SER A 38 3.16 -17.83 30.02
N ASP A 39 4.23 -17.19 30.49
CA ASP A 39 4.59 -17.26 31.91
C ASP A 39 3.90 -16.19 32.74
N ALA A 40 3.37 -15.15 32.09
CA ALA A 40 2.71 -14.06 32.81
C ALA A 40 1.40 -14.55 33.43
N ALA A 41 0.95 -13.83 34.46
CA ALA A 41 -0.20 -14.27 35.25
C ALA A 41 -1.52 -14.12 34.52
N SER A 42 -1.66 -13.12 33.65
CA SER A 42 -2.97 -12.77 33.12
C SER A 42 -3.51 -13.86 32.19
N GLN A 43 -2.64 -14.49 31.40
CA GLN A 43 -3.06 -15.42 30.35
C GLN A 43 -4.05 -14.72 29.42
N ARG A 44 -3.78 -13.47 29.10
CA ARG A 44 -4.58 -12.67 28.19
C ARG A 44 -3.65 -11.97 27.21
N MET A 45 -4.17 -11.72 26.00
CA MET A 45 -3.53 -10.73 25.15
C MET A 45 -3.66 -9.36 25.79
N GLU A 46 -2.56 -8.62 25.81
CA GLU A 46 -2.58 -7.37 26.55
C GLU A 46 -2.22 -6.20 25.64
N PRO A 47 -2.85 -5.03 25.84
CA PRO A 47 -2.48 -3.87 25.04
C PRO A 47 -1.14 -3.31 25.46
N ARG A 48 -0.42 -2.78 24.47
CA ARG A 48 0.86 -2.13 24.74
C ARG A 48 0.97 -0.77 24.07
N ALA A 49 -0.14 -0.26 23.50
CA ALA A 49 -0.23 1.03 22.85
C ALA A 49 -1.53 1.66 23.31
N PRO A 50 -1.56 2.97 23.54
CA PRO A 50 -2.82 3.62 23.96
C PRO A 50 -3.97 3.39 22.99
N TRP A 51 -3.71 3.43 21.69
CA TRP A 51 -4.79 3.43 20.70
C TRP A 51 -5.45 2.07 20.51
N ILE A 52 -4.90 0.99 21.06
CA ILE A 52 -5.53 -0.31 20.94
C ILE A 52 -6.42 -0.62 22.15
N GLU A 53 -6.27 0.13 23.24
CA GLU A 53 -7.07 -0.10 24.43
C GLU A 53 -8.56 0.12 24.16
N GLN A 54 -8.89 0.98 23.19
CA GLN A 54 -10.29 1.23 22.85
C GLN A 54 -11.01 0.03 22.24
N GLU A 55 -10.29 -1.00 21.78
CA GLU A 55 -10.96 -2.16 21.22
C GLU A 55 -11.80 -2.85 22.30
N GLY A 56 -12.96 -3.36 21.89
CA GLY A 56 -13.91 -3.94 22.82
C GLY A 56 -13.55 -5.35 23.24
N PRO A 57 -14.37 -5.91 24.14
CA PRO A 57 -14.03 -7.23 24.71
C PRO A 57 -14.05 -8.35 23.69
N GLU A 58 -14.84 -8.21 22.63
CA GLU A 58 -14.84 -9.25 21.60
C GLU A 58 -13.45 -9.36 20.99
N TYR A 59 -12.83 -8.21 20.72
CA TYR A 59 -11.46 -8.17 20.24
C TYR A 59 -10.51 -8.90 21.18
N TRP A 60 -10.49 -8.50 22.46
CA TRP A 60 -9.52 -9.06 23.39
C TRP A 60 -9.76 -10.53 23.64
N ASP A 61 -11.03 -10.94 23.77
CA ASP A 61 -11.33 -12.35 23.94
C ASP A 61 -10.86 -13.14 22.72
N GLY A 62 -11.08 -12.61 21.53
CA GLY A 62 -10.73 -13.33 20.32
C GLY A 62 -9.24 -13.39 20.07
N GLU A 63 -8.53 -12.28 20.31
CA GLU A 63 -7.08 -12.27 20.15
C GLU A 63 -6.40 -13.13 21.21
N THR A 64 -6.99 -13.24 22.41
CA THR A 64 -6.43 -14.14 23.41
C THR A 64 -6.62 -15.58 22.99
N ARG A 65 -7.81 -15.90 22.48
CA ARG A 65 -8.09 -17.25 22.01
C ARG A 65 -7.14 -17.64 20.90
N LYS A 66 -6.93 -16.74 19.93
CA LYS A 66 -6.11 -17.05 18.77
C LYS A 66 -4.62 -17.10 19.13
N VAL A 67 -4.16 -16.25 20.06
CA VAL A 67 -2.74 -16.27 20.39
C VAL A 67 -2.40 -17.51 21.21
N LYS A 68 -3.33 -17.95 22.08
CA LYS A 68 -3.15 -19.24 22.74
C LYS A 68 -3.13 -20.37 21.72
N ALA A 69 -3.87 -20.23 20.63
CA ALA A 69 -3.84 -21.24 19.57
C ALA A 69 -2.47 -21.29 18.91
N HIS A 70 -1.89 -20.12 18.61
CA HIS A 70 -0.52 -20.07 18.11
C HIS A 70 0.44 -20.70 19.11
N SER A 71 0.24 -20.44 20.40
CA SER A 71 1.06 -21.07 21.43
C SER A 71 1.02 -22.59 21.32
N GLN A 72 -0.15 -23.15 20.99
CA GLN A 72 -0.29 -24.60 20.95
C GLN A 72 0.36 -25.22 19.72
N THR A 73 0.23 -24.56 18.56
CA THR A 73 0.88 -25.10 17.36
C THR A 73 2.39 -25.10 17.50
N HIS A 74 2.95 -24.01 18.03
CA HIS A 74 4.40 -23.95 18.16
C HIS A 74 4.89 -24.98 19.16
N ARG A 75 4.01 -25.37 20.10
CA ARG A 75 4.35 -26.42 21.05
C ARG A 75 4.43 -27.77 20.36
N VAL A 76 3.47 -28.06 19.48
CA VAL A 76 3.56 -29.25 18.64
C VAL A 76 4.73 -29.15 17.68
N ASP A 77 4.96 -27.96 17.10
CA ASP A 77 6.05 -27.79 16.15
C ASP A 77 7.40 -28.12 16.75
N LEU A 78 7.60 -27.80 18.03
CA LEU A 78 8.89 -28.12 18.66
C LEU A 78 9.10 -29.62 18.72
N GLY A 79 8.04 -30.38 18.99
CA GLY A 79 8.11 -31.83 18.92
C GLY A 79 8.36 -32.34 17.51
N THR A 80 7.66 -31.77 16.52
CA THR A 80 7.83 -32.18 15.13
C THR A 80 9.28 -32.04 14.70
N LEU A 81 9.87 -30.88 14.96
CA LEU A 81 11.23 -30.60 14.49
C LEU A 81 12.24 -31.49 15.19
N ARG A 82 12.03 -31.78 16.48
CA ARG A 82 12.86 -32.77 17.16
C ARG A 82 12.91 -34.07 16.37
N GLY A 83 11.75 -34.49 15.85
CA GLY A 83 11.69 -35.73 15.10
C GLY A 83 12.39 -35.60 13.77
N TYR A 84 12.15 -34.50 13.05
CA TYR A 84 12.73 -34.33 11.72
C TYR A 84 14.25 -34.33 11.79
N TYR A 85 14.82 -33.79 12.87
CA TYR A 85 16.26 -33.60 13.01
C TYR A 85 16.93 -34.60 13.96
N ASN A 86 16.21 -35.64 14.40
CA ASN A 86 16.73 -36.67 15.33
C ASN A 86 17.39 -36.04 16.55
N GLN A 87 16.69 -35.12 17.19
CA GLN A 87 17.26 -34.45 18.36
C GLN A 87 16.62 -35.01 19.62
N SER A 88 17.40 -35.04 20.70
CA SER A 88 16.88 -35.53 21.97
C SER A 88 16.22 -34.38 22.71
N GLU A 89 15.84 -34.65 23.97
CA GLU A 89 15.31 -33.64 24.87
C GLU A 89 16.34 -33.16 25.88
N ALA A 90 17.63 -33.45 25.64
CA ALA A 90 18.68 -32.83 26.40
C ALA A 90 18.71 -31.33 26.19
N GLY A 91 18.16 -30.85 25.09
CA GLY A 91 18.44 -29.52 24.58
C GLY A 91 17.20 -28.64 24.52
N SER A 92 17.40 -27.37 24.84
CA SER A 92 16.42 -26.34 24.54
C SER A 92 16.54 -25.96 23.07
N HIS A 93 15.40 -25.70 22.43
CA HIS A 93 15.39 -25.29 21.04
C HIS A 93 14.40 -24.14 20.88
N THR A 94 14.46 -23.50 19.72
CA THR A 94 13.73 -22.26 19.49
C THR A 94 13.03 -22.33 18.15
N VAL A 95 11.73 -22.03 18.14
CA VAL A 95 10.99 -21.79 16.91
C VAL A 95 10.56 -20.34 16.91
N GLN A 96 10.59 -19.73 15.73
CA GLN A 96 10.22 -18.33 15.57
C GLN A 96 9.32 -18.22 14.36
N ARG A 97 8.26 -17.43 14.46
CA ARG A 97 7.40 -17.21 13.32
C ARG A 97 7.13 -15.72 13.23
N MET A 98 7.10 -15.22 12.01
CA MET A 98 6.80 -13.82 11.73
C MET A 98 5.87 -13.80 10.53
N TYR A 99 4.77 -13.06 10.64
CA TYR A 99 3.94 -12.81 9.47
C TYR A 99 3.38 -11.40 9.54
N GLY A 100 2.90 -10.92 8.40
CA GLY A 100 2.32 -9.60 8.32
C GLY A 100 2.21 -9.13 6.88
N CYS A 101 1.80 -7.87 6.73
CA CYS A 101 1.48 -7.27 5.45
C CYS A 101 1.96 -5.82 5.38
N ASP A 102 2.21 -5.36 4.14
CA ASP A 102 2.62 -3.98 3.86
C ASP A 102 1.58 -3.30 2.99
N VAL A 103 1.33 -2.01 3.26
CA VAL A 103 0.61 -1.15 2.33
C VAL A 103 1.48 0.05 1.95
N GLY A 104 1.11 0.66 0.82
CA GLY A 104 1.78 1.85 0.35
C GLY A 104 1.22 3.12 1.00
N SER A 105 1.70 4.26 0.51
CA SER A 105 1.16 5.54 0.93
C SER A 105 -0.34 5.64 0.67
N ASP A 106 -0.83 4.95 -0.36
CA ASP A 106 -2.26 4.98 -0.66
C ASP A 106 -3.05 3.97 0.18
N TRP A 107 -2.37 3.24 1.06
CA TRP A 107 -2.94 2.23 1.96
C TRP A 107 -3.51 1.02 1.22
N ARG A 108 -3.16 0.84 -0.05
CA ARG A 108 -3.47 -0.37 -0.78
C ARG A 108 -2.35 -1.40 -0.63
N PHE A 109 -2.74 -2.68 -0.65
CA PHE A 109 -1.83 -3.80 -0.40
C PHE A 109 -0.57 -3.76 -1.27
N LEU A 110 0.58 -4.02 -0.64
CA LEU A 110 1.88 -4.04 -1.31
C LEU A 110 2.44 -5.45 -1.38
N ARG A 111 2.70 -6.08 -0.24
CA ARG A 111 3.21 -7.44 -0.20
C ARG A 111 2.93 -8.02 1.18
N GLY A 112 2.98 -9.35 1.25
CA GLY A 112 2.74 -10.05 2.50
C GLY A 112 3.80 -11.12 2.71
N TYR A 113 3.94 -11.55 3.96
CA TYR A 113 4.97 -12.52 4.30
C TYR A 113 4.55 -13.34 5.51
N HIS A 114 5.21 -14.50 5.64
CA HIS A 114 4.87 -15.53 6.61
C HIS A 114 6.03 -16.51 6.70
N GLN A 115 6.79 -16.46 7.79
CA GLN A 115 8.12 -17.05 7.83
C GLN A 115 8.33 -17.81 9.13
N TYR A 116 9.20 -18.81 9.09
CA TYR A 116 9.57 -19.58 10.26
C TYR A 116 11.09 -19.69 10.33
N ALA A 117 11.61 -19.76 11.55
CA ALA A 117 13.01 -20.11 11.78
C ALA A 117 13.09 -21.16 12.88
N TYR A 118 14.08 -22.04 12.78
CA TYR A 118 14.36 -23.03 13.79
C TYR A 118 15.82 -22.90 14.20
N ASP A 119 16.06 -22.73 15.50
CA ASP A 119 17.39 -22.53 16.06
C ASP A 119 18.20 -21.50 15.28
N GLY A 120 17.55 -20.38 14.96
CA GLY A 120 18.23 -19.21 14.43
C GLY A 120 18.46 -19.20 12.94
N LYS A 121 17.95 -20.19 12.22
CA LYS A 121 18.18 -20.34 10.78
C LYS A 121 16.85 -20.36 10.06
N ASP A 122 16.78 -19.73 8.88
CA ASP A 122 15.63 -19.92 7.99
C ASP A 122 15.18 -21.36 8.00
N TYR A 123 13.88 -21.57 8.12
CA TYR A 123 13.30 -22.90 7.95
C TYR A 123 12.43 -22.90 6.70
N ILE A 124 11.31 -22.19 6.71
CA ILE A 124 10.44 -22.09 5.55
C ILE A 124 9.85 -20.70 5.50
N ALA A 125 9.61 -20.20 4.29
CA ALA A 125 9.12 -18.85 4.09
C ALA A 125 8.19 -18.81 2.89
N LEU A 126 7.06 -18.11 3.04
CA LEU A 126 6.18 -17.83 1.92
C LEU A 126 6.84 -16.86 0.95
N LYS A 127 6.89 -17.25 -0.33
CA LYS A 127 7.48 -16.37 -1.32
C LYS A 127 6.53 -15.22 -1.65
N GLU A 128 7.07 -14.26 -2.40
CA GLU A 128 6.40 -12.99 -2.64
C GLU A 128 5.17 -13.13 -3.52
N ASP A 129 5.09 -14.18 -4.33
CA ASP A 129 3.87 -14.43 -5.09
C ASP A 129 2.75 -14.97 -4.22
N LEU A 130 3.04 -15.35 -2.97
CA LEU A 130 2.07 -15.90 -2.03
C LEU A 130 1.44 -17.19 -2.54
N ARG A 131 2.16 -17.87 -3.43
CA ARG A 131 1.73 -19.13 -4.05
C ARG A 131 2.70 -20.26 -3.79
N SER A 132 3.93 -19.98 -3.39
CA SER A 132 5.01 -20.95 -3.33
C SER A 132 5.88 -20.70 -2.10
N TRP A 133 6.71 -21.69 -1.78
CA TRP A 133 7.49 -21.71 -0.54
C TRP A 133 8.98 -21.79 -0.84
N THR A 134 9.77 -21.20 0.06
CA THR A 134 11.21 -21.41 0.11
C THR A 134 11.52 -22.30 1.30
N ALA A 135 11.97 -23.52 1.03
CA ALA A 135 12.32 -24.46 2.09
C ALA A 135 13.85 -24.56 2.15
N ALA A 136 14.41 -24.38 3.34
CA ALA A 136 15.84 -24.12 3.46
C ALA A 136 16.67 -25.39 3.42
N ASP A 137 16.11 -26.51 3.88
CA ASP A 137 16.85 -27.76 3.99
C ASP A 137 15.85 -28.89 3.82
N MET A 138 16.32 -30.12 4.02
CA MET A 138 15.48 -31.26 3.66
C MET A 138 14.30 -31.41 4.59
N ALA A 139 14.46 -31.06 5.87
CA ALA A 139 13.35 -31.13 6.81
C ALA A 139 12.25 -30.16 6.41
N ALA A 140 12.62 -28.96 5.97
CA ALA A 140 11.62 -27.97 5.58
C ALA A 140 10.90 -28.37 4.31
N GLN A 141 11.53 -29.20 3.48
CA GLN A 141 10.84 -29.76 2.32
C GLN A 141 9.68 -30.64 2.74
N THR A 142 9.87 -31.41 3.82
CA THR A 142 8.78 -32.22 4.37
C THR A 142 7.59 -31.34 4.73
N THR A 143 7.85 -30.24 5.44
CA THR A 143 6.80 -29.27 5.74
C THR A 143 6.16 -28.75 4.45
N LYS A 144 6.99 -28.42 3.47
CA LYS A 144 6.51 -27.88 2.21
C LYS A 144 5.52 -28.83 1.54
N HIS A 145 5.82 -30.13 1.52
CA HIS A 145 4.92 -31.10 0.90
C HIS A 145 3.58 -31.11 1.62
N LYS A 146 3.62 -31.15 2.96
CA LYS A 146 2.39 -31.11 3.74
C LYS A 146 1.61 -29.83 3.48
N TRP A 147 2.29 -28.69 3.42
CA TRP A 147 1.58 -27.43 3.23
C TRP A 147 1.02 -27.29 1.84
N GLU A 148 1.63 -27.95 0.84
CA GLU A 148 1.08 -27.91 -0.52
C GLU A 148 -0.17 -28.78 -0.61
N ALA A 149 -0.13 -29.98 -0.04
CA ALA A 149 -1.32 -30.83 -0.03
C ALA A 149 -2.46 -30.20 0.73
N ALA A 150 -2.16 -29.44 1.79
CA ALA A 150 -3.18 -28.83 2.65
C ALA A 150 -3.58 -27.43 2.20
N HIS A 151 -3.02 -26.92 1.11
CA HIS A 151 -3.37 -25.62 0.56
C HIS A 151 -3.24 -24.51 1.61
N VAL A 152 -2.09 -24.53 2.30
CA VAL A 152 -1.83 -23.55 3.35
C VAL A 152 -1.65 -22.15 2.76
N ALA A 153 -0.94 -22.05 1.64
CA ALA A 153 -0.65 -20.74 1.05
C ALA A 153 -1.93 -20.03 0.61
N GLU A 154 -2.91 -20.80 0.10
CA GLU A 154 -4.19 -20.18 -0.28
C GLU A 154 -4.82 -19.47 0.91
N GLN A 155 -4.86 -20.14 2.06
CA GLN A 155 -5.52 -19.59 3.23
C GLN A 155 -4.75 -18.38 3.79
N LEU A 156 -3.43 -18.44 3.80
CA LEU A 156 -2.62 -17.30 4.20
C LEU A 156 -2.83 -16.12 3.27
N ARG A 157 -2.81 -16.37 1.96
CA ARG A 157 -2.94 -15.29 0.99
C ARG A 157 -4.26 -14.55 1.18
N ALA A 158 -5.30 -15.27 1.60
CA ALA A 158 -6.60 -14.64 1.83
C ALA A 158 -6.56 -13.77 3.08
N TYR A 159 -5.94 -14.26 4.15
CA TYR A 159 -5.74 -13.43 5.33
C TYR A 159 -4.90 -12.21 5.01
N LEU A 160 -3.77 -12.42 4.35
CA LEU A 160 -2.77 -11.37 4.17
C LEU A 160 -3.31 -10.25 3.28
N GLU A 161 -4.05 -10.62 2.23
CA GLU A 161 -4.59 -9.63 1.31
C GLU A 161 -5.88 -8.99 1.83
N GLY A 162 -6.55 -9.62 2.79
CA GLY A 162 -7.81 -9.15 3.32
C GLY A 162 -7.72 -8.62 4.74
N THR A 163 -7.95 -9.51 5.71
CA THR A 163 -7.98 -9.16 7.13
C THR A 163 -6.79 -8.31 7.54
N CYS A 164 -5.58 -8.74 7.14
CA CYS A 164 -4.37 -8.04 7.56
C CYS A 164 -4.39 -6.59 7.10
N VAL A 165 -4.77 -6.36 5.84
CA VAL A 165 -4.78 -5.00 5.30
C VAL A 165 -5.85 -4.17 5.97
N GLU A 166 -7.03 -4.74 6.18
CA GLU A 166 -8.15 -3.96 6.71
C GLU A 166 -7.88 -3.49 8.14
N TRP A 167 -7.34 -4.37 9.00
CA TRP A 167 -7.09 -3.97 10.37
C TRP A 167 -5.87 -3.09 10.51
N LEU A 168 -4.87 -3.23 9.63
CA LEU A 168 -3.78 -2.26 9.59
C LEU A 168 -4.31 -0.85 9.37
N ARG A 169 -5.19 -0.69 8.38
CA ARG A 169 -5.81 0.61 8.11
C ARG A 169 -6.57 1.12 9.32
N ARG A 170 -7.35 0.24 9.97
CA ARG A 170 -8.09 0.63 11.16
C ARG A 170 -7.13 1.13 12.24
N TYR A 171 -6.04 0.41 12.48
CA TYR A 171 -5.10 0.81 13.52
C TYR A 171 -4.43 2.13 13.16
N LEU A 172 -4.03 2.28 11.90
CA LEU A 172 -3.41 3.52 11.45
C LEU A 172 -4.32 4.72 11.70
N GLU A 173 -5.62 4.54 11.50
CA GLU A 173 -6.59 5.62 11.68
C GLU A 173 -6.81 5.90 13.17
N ASN A 174 -7.03 4.84 13.96
CA ASN A 174 -7.30 5.01 15.38
C ASN A 174 -6.10 5.58 16.13
N GLY A 175 -4.88 5.22 15.73
CA GLY A 175 -3.70 5.78 16.36
C GLY A 175 -2.94 6.81 15.54
N LYS A 176 -3.65 7.64 14.77
CA LYS A 176 -2.96 8.40 13.73
C LYS A 176 -2.02 9.45 14.31
N GLU A 177 -2.36 10.02 15.46
CA GLU A 177 -1.44 10.89 16.17
C GLU A 177 -0.10 10.20 16.41
N THR A 178 -0.14 8.96 16.91
CA THR A 178 1.09 8.20 17.13
C THR A 178 1.71 7.73 15.82
N LEU A 179 0.93 7.03 15.00
CA LEU A 179 1.48 6.20 13.93
C LEU A 179 1.80 6.99 12.67
N GLN A 180 1.02 8.03 12.35
CA GLN A 180 1.14 8.72 11.07
C GLN A 180 2.04 9.93 11.15
N ARG A 181 2.71 10.12 12.27
CA ARG A 181 3.71 11.16 12.41
C ARG A 181 5.03 10.70 11.78
N THR A 182 5.85 11.67 11.41
CA THR A 182 7.25 11.41 11.10
C THR A 182 8.07 12.45 11.85
N ASP A 183 9.00 11.99 12.69
CA ASP A 183 9.85 12.88 13.46
C ASP A 183 11.25 12.86 12.84
N ALA A 184 11.62 13.98 12.22
CA ALA A 184 12.91 14.07 11.58
C ALA A 184 14.02 14.06 12.64
N PRO A 185 15.17 13.47 12.34
CA PRO A 185 16.25 13.41 13.34
C PRO A 185 16.84 14.77 13.63
N LYS A 186 17.18 14.99 14.89
CA LYS A 186 18.02 16.12 15.30
C LYS A 186 19.46 15.63 15.28
N THR A 187 20.29 16.27 14.46
CA THR A 187 21.61 15.74 14.16
C THR A 187 22.72 16.66 14.63
N HIS A 188 23.83 16.06 15.02
CA HIS A 188 25.04 16.80 15.37
C HIS A 188 26.20 15.83 15.34
N MET A 189 27.40 16.39 15.46
CA MET A 189 28.64 15.62 15.46
C MET A 189 29.42 15.97 16.71
N THR A 190 30.13 14.99 17.26
CA THR A 190 30.99 15.23 18.40
C THR A 190 32.44 14.93 18.04
N HIS A 191 33.36 15.54 18.80
CA HIS A 191 34.78 15.46 18.54
C HIS A 191 35.47 15.23 19.88
N HIS A 192 36.23 14.13 19.98
CA HIS A 192 37.00 13.87 21.18
C HIS A 192 38.33 13.23 20.82
N ALA A 193 39.42 13.84 21.29
CA ALA A 193 40.76 13.28 21.17
C ALA A 193 40.81 11.89 21.82
N VAL A 194 41.47 10.96 21.12
CA VAL A 194 41.91 9.72 21.74
C VAL A 194 43.40 9.70 22.05
N SER A 195 44.20 10.53 21.39
CA SER A 195 45.63 10.68 21.68
C SER A 195 46.06 12.07 21.28
N ASP A 196 47.37 12.32 21.30
CA ASP A 196 47.88 13.61 20.87
C ASP A 196 47.77 13.79 19.35
N HIS A 197 47.45 12.73 18.61
CA HIS A 197 47.44 12.74 17.15
C HIS A 197 46.18 12.20 16.51
N GLU A 198 45.21 11.66 17.27
CA GLU A 198 43.97 11.13 16.70
C GLU A 198 42.75 11.58 17.49
N ALA A 199 41.60 11.66 16.78
CA ALA A 199 40.33 12.07 17.36
C ALA A 199 39.19 11.19 16.86
N THR A 200 38.22 10.92 17.75
CA THR A 200 36.96 10.28 17.36
C THR A 200 35.96 11.31 16.87
N LEU A 201 35.49 11.13 15.63
CA LEU A 201 34.34 11.87 15.10
C LEU A 201 33.10 10.99 15.18
N ARG A 202 32.06 11.44 15.87
CA ARG A 202 30.83 10.66 16.00
C ARG A 202 29.64 11.47 15.52
N CYS A 203 28.88 10.88 14.58
CA CYS A 203 27.70 11.52 13.99
C CYS A 203 26.43 10.98 14.65
N TRP A 204 25.64 11.87 15.24
CA TRP A 204 24.45 11.53 16.02
C TRP A 204 23.17 11.88 15.26
N ALA A 205 22.16 11.03 15.44
CA ALA A 205 20.79 11.34 15.07
C ALA A 205 19.89 10.96 16.24
N LEU A 206 19.07 11.90 16.70
CA LEU A 206 18.27 11.70 17.89
C LEU A 206 16.81 12.06 17.63
N SER A 207 15.92 11.46 18.42
CA SER A 207 14.51 11.82 18.46
C SER A 207 13.82 11.60 17.11
N PHE A 208 14.18 10.54 16.40
CA PHE A 208 13.57 10.31 15.09
C PHE A 208 12.62 9.12 15.12
N TYR A 209 11.64 9.17 14.21
CA TYR A 209 10.66 8.14 13.95
C TYR A 209 10.13 8.34 12.53
N PRO A 210 9.98 7.27 11.75
CA PRO A 210 10.25 5.86 12.12
C PRO A 210 11.74 5.52 12.24
N ALA A 211 12.04 4.26 12.56
CA ALA A 211 13.40 3.86 12.88
C ALA A 211 14.33 3.82 11.67
N GLU A 212 13.80 3.72 10.46
CA GLU A 212 14.63 3.64 9.26
C GLU A 212 15.48 4.89 9.10
N ILE A 213 16.79 4.70 8.97
CA ILE A 213 17.73 5.82 8.82
C ILE A 213 19.02 5.31 8.20
N THR A 214 19.74 6.21 7.53
CA THR A 214 21.07 5.93 7.01
C THR A 214 22.03 7.03 7.42
N LEU A 215 23.14 6.64 8.06
CA LEU A 215 24.23 7.54 8.40
C LEU A 215 25.49 7.06 7.68
N THR A 216 26.12 7.94 6.90
CA THR A 216 27.42 7.61 6.31
C THR A 216 28.42 8.74 6.50
N TRP A 217 29.69 8.36 6.62
CA TRP A 217 30.81 9.28 6.63
C TRP A 217 31.47 9.29 5.26
N GLN A 218 31.81 10.47 4.77
CA GLN A 218 32.67 10.62 3.60
C GLN A 218 33.97 11.31 4.00
N ARG A 219 35.05 10.95 3.32
CA ARG A 219 36.31 11.68 3.40
C ARG A 219 36.65 12.19 2.01
N ASP A 220 36.69 13.52 1.87
CA ASP A 220 36.82 14.18 0.57
C ASP A 220 35.82 13.61 -0.44
N GLY A 221 34.59 13.35 0.02
CA GLY A 221 33.57 12.84 -0.87
C GLY A 221 33.56 11.33 -1.06
N GLU A 222 34.51 10.61 -0.49
CA GLU A 222 34.60 9.17 -0.67
C GLU A 222 34.04 8.49 0.58
N ASP A 223 33.12 7.55 0.37
CA ASP A 223 32.48 6.88 1.50
C ASP A 223 33.49 6.09 2.31
N GLN A 224 33.38 6.19 3.64
CA GLN A 224 34.33 5.51 4.51
C GLN A 224 33.64 4.38 5.24
N THR A 225 32.90 3.55 4.50
CA THR A 225 31.99 2.62 5.15
C THR A 225 32.76 1.53 5.88
N GLN A 226 33.87 1.09 5.28
CA GLN A 226 34.68 0.04 5.87
C GLN A 226 35.36 0.50 7.15
N ASP A 227 35.48 1.81 7.36
CA ASP A 227 36.22 2.39 8.48
C ASP A 227 35.32 3.00 9.54
N THR A 228 34.00 2.84 9.39
CA THR A 228 33.01 3.44 10.27
C THR A 228 32.51 2.43 11.30
N GLU A 229 32.36 2.87 12.55
CA GLU A 229 31.65 2.08 13.54
C GLU A 229 30.19 2.51 13.55
N LEU A 230 29.30 1.57 13.27
CA LEU A 230 27.87 1.81 13.21
C LEU A 230 27.21 0.99 14.30
N VAL A 231 26.57 1.66 15.26
CA VAL A 231 25.81 0.93 16.26
C VAL A 231 24.40 0.68 15.73
N GLU A 232 23.78 -0.35 16.27
CA GLU A 232 22.43 -0.70 15.87
C GLU A 232 21.47 0.37 16.36
N THR A 233 20.52 0.75 15.51
CA THR A 233 19.51 1.72 15.91
C THR A 233 18.87 1.30 17.23
N ARG A 234 18.69 2.27 18.12
CA ARG A 234 18.29 1.96 19.49
C ARG A 234 17.10 2.81 19.90
N PRO A 235 16.25 2.30 20.79
CA PRO A 235 15.08 3.08 21.22
C PRO A 235 15.44 4.04 22.35
N ALA A 236 14.88 5.25 22.27
CA ALA A 236 15.01 6.16 23.40
C ALA A 236 14.16 5.71 24.58
N GLY A 237 13.11 4.93 24.32
CA GLY A 237 12.19 4.50 25.33
C GLY A 237 10.87 5.25 25.28
N ASP A 238 10.79 6.29 24.46
CA ASP A 238 9.63 7.17 24.37
C ASP A 238 8.95 7.09 23.01
N GLY A 239 9.26 6.07 22.22
CA GLY A 239 8.71 5.92 20.89
C GLY A 239 9.54 6.54 19.79
N THR A 240 10.69 7.12 20.12
CA THR A 240 11.64 7.61 19.13
C THR A 240 12.94 6.83 19.25
N PHE A 241 13.81 7.03 18.27
CA PHE A 241 14.99 6.19 18.12
C PHE A 241 16.26 7.04 18.03
N GLN A 242 17.40 6.38 18.27
CA GLN A 242 18.71 7.00 18.24
C GLN A 242 19.68 6.16 17.43
N LYS A 243 20.67 6.81 16.82
CA LYS A 243 21.75 6.13 16.12
C LYS A 243 22.99 7.02 16.07
N TRP A 244 24.17 6.41 16.12
CA TRP A 244 25.38 7.15 15.79
C TRP A 244 26.34 6.32 14.93
N ALA A 245 27.22 7.04 14.22
CA ALA A 245 28.31 6.49 13.43
C ALA A 245 29.60 7.22 13.79
N ALA A 246 30.68 6.49 14.01
CA ALA A 246 31.97 7.07 14.37
C ALA A 246 33.09 6.64 13.44
N VAL A 247 34.02 7.56 13.19
CA VAL A 247 35.33 7.27 12.63
C VAL A 247 36.39 7.84 13.56
N VAL A 248 37.57 7.21 13.57
CA VAL A 248 38.76 7.76 14.19
C VAL A 248 39.64 8.36 13.10
N VAL A 249 40.03 9.61 13.25
CA VAL A 249 40.73 10.33 12.18
C VAL A 249 42.00 10.94 12.71
N PRO A 250 42.98 11.19 11.83
CA PRO A 250 44.11 12.04 12.19
C PRO A 250 43.69 13.46 12.58
N SER A 251 44.15 13.90 13.76
CA SER A 251 43.98 15.29 14.16
C SER A 251 44.53 16.21 13.08
N GLY A 252 43.71 17.17 12.65
CA GLY A 252 44.05 18.06 11.56
C GLY A 252 43.21 17.85 10.32
N GLN A 253 42.63 16.66 10.16
CA GLN A 253 41.92 16.27 8.95
C GLN A 253 40.41 16.37 9.10
N GLU A 254 39.92 17.00 10.19
CA GLU A 254 38.49 17.02 10.45
C GLU A 254 37.72 17.64 9.29
N GLN A 255 38.33 18.61 8.59
CA GLN A 255 37.63 19.37 7.57
C GLN A 255 37.35 18.53 6.33
N ARG A 256 38.04 17.39 6.20
CA ARG A 256 37.84 16.48 5.09
C ARG A 256 36.59 15.61 5.27
N TYR A 257 36.11 15.46 6.50
CA TYR A 257 35.08 14.49 6.84
C TYR A 257 33.71 15.14 6.93
N THR A 258 32.70 14.48 6.34
CA THR A 258 31.33 14.93 6.36
C THR A 258 30.42 13.77 6.71
N CYS A 259 29.37 14.05 7.47
CA CYS A 259 28.34 13.06 7.77
C CYS A 259 27.09 13.34 6.94
N HIS A 260 26.46 12.27 6.45
CA HIS A 260 25.34 12.37 5.52
C HIS A 260 24.18 11.55 6.09
N VAL A 261 23.04 12.20 6.27
CA VAL A 261 21.90 11.62 6.98
C VAL A 261 20.71 11.54 6.04
N GLN A 262 20.12 10.35 5.92
CA GLN A 262 18.91 10.14 5.14
C GLN A 262 17.80 9.62 6.05
N HIS A 263 16.65 10.27 6.01
CA HIS A 263 15.48 9.88 6.79
C HIS A 263 14.27 10.50 6.12
N GLU A 264 13.13 9.81 6.19
CA GLU A 264 11.97 10.28 5.44
C GLU A 264 11.41 11.58 6.00
N GLY A 265 11.72 11.90 7.26
CA GLY A 265 11.33 13.17 7.86
C GLY A 265 12.10 14.37 7.35
N LEU A 266 13.26 14.16 6.75
CA LEU A 266 13.96 15.33 6.24
C LEU A 266 13.49 15.63 4.82
N PRO A 267 13.08 16.88 4.53
CA PRO A 267 12.82 17.26 3.13
C PRO A 267 13.95 16.91 2.18
N LYS A 268 15.20 17.06 2.61
CA LYS A 268 16.37 16.71 1.83
C LYS A 268 17.39 16.05 2.74
N PRO A 269 18.25 15.19 2.20
CA PRO A 269 19.34 14.62 3.03
C PRO A 269 20.28 15.69 3.55
N LEU A 270 20.74 15.49 4.79
CA LEU A 270 21.60 16.46 5.46
C LEU A 270 23.07 16.09 5.29
N THR A 271 23.92 17.11 5.14
CA THR A 271 25.37 16.98 5.21
C THR A 271 25.87 17.86 6.35
N LEU A 272 26.56 17.24 7.31
CA LEU A 272 27.15 17.96 8.43
C LEU A 272 28.64 18.07 8.24
N ARG A 273 29.20 19.23 8.61
CA ARG A 273 30.57 19.58 8.30
C ARG A 273 31.31 20.07 9.55
N TRP A 274 32.64 20.03 9.45
CA TRP A 274 33.50 20.61 10.49
C TRP A 274 34.07 21.96 10.04
N GLU A 275 33.20 22.80 9.47
CA GLU A 275 33.57 24.17 9.09
C GLU A 275 32.31 24.94 8.74
N MET B 1 24.80 -25.47 17.17
CA MET B 1 23.67 -24.58 17.33
C MET B 1 24.12 -23.14 17.13
N ILE B 2 23.31 -22.34 16.43
CA ILE B 2 23.68 -20.96 16.15
C ILE B 2 23.81 -20.19 17.46
N GLN B 3 24.88 -19.42 17.57
CA GLN B 3 25.04 -18.49 18.69
C GLN B 3 25.48 -17.13 18.16
N ARG B 4 24.81 -16.07 18.61
CA ARG B 4 25.13 -14.70 18.23
C ARG B 4 25.31 -13.86 19.48
N THR B 5 26.41 -13.11 19.54
CA THR B 5 26.74 -12.34 20.74
C THR B 5 25.87 -11.09 20.84
N PRO B 6 25.38 -10.77 22.05
CA PRO B 6 24.58 -9.55 22.21
C PRO B 6 25.42 -8.30 22.01
N LYS B 7 24.88 -7.35 21.25
CA LYS B 7 25.46 -6.01 21.14
C LYS B 7 24.82 -5.13 22.21
N ILE B 8 25.64 -4.60 23.13
CA ILE B 8 25.15 -3.95 24.34
C ILE B 8 25.36 -2.43 24.23
N GLN B 9 24.34 -1.67 24.63
CA GLN B 9 24.46 -0.21 24.71
C GLN B 9 23.87 0.33 26.00
N VAL B 10 24.63 1.15 26.70
CA VAL B 10 24.18 1.84 27.91
C VAL B 10 24.11 3.33 27.61
N TYR B 11 22.95 3.94 27.85
CA TYR B 11 22.72 5.33 27.45
C TYR B 11 21.49 5.86 28.19
N SER B 12 21.43 7.19 28.28
CA SER B 12 20.27 7.87 28.84
C SER B 12 19.33 8.31 27.74
N ARG B 13 18.03 8.32 28.05
CA ARG B 13 17.03 8.74 27.08
C ARG B 13 17.31 10.14 26.56
N HIS B 14 17.54 11.08 27.47
CA HIS B 14 17.76 12.47 27.14
C HIS B 14 19.19 12.86 27.52
N PRO B 15 19.72 13.96 26.94
CA PRO B 15 21.02 14.46 27.40
C PRO B 15 21.08 14.56 28.92
N ALA B 16 22.09 13.94 29.52
CA ALA B 16 22.15 13.84 30.96
C ALA B 16 22.50 15.19 31.54
N GLU B 17 21.84 15.53 32.65
CA GLU B 17 22.08 16.78 33.35
C GLU B 17 21.94 16.50 34.84
N ASN B 18 23.00 16.76 35.59
CA ASN B 18 23.06 16.40 37.01
C ASN B 18 21.86 16.98 37.77
N GLY B 19 21.24 16.14 38.59
CA GLY B 19 20.11 16.54 39.40
C GLY B 19 18.77 16.56 38.70
N LYS B 20 18.71 16.18 37.42
CA LYS B 20 17.48 16.18 36.65
C LYS B 20 17.12 14.74 36.29
N SER B 21 15.88 14.35 36.58
CA SER B 21 15.47 12.97 36.40
C SER B 21 15.44 12.59 34.93
N ASN B 22 15.82 11.35 34.66
CA ASN B 22 16.07 10.88 33.30
C ASN B 22 15.77 9.38 33.25
N PHE B 23 16.18 8.72 32.17
CA PHE B 23 16.02 7.27 32.06
C PHE B 23 17.35 6.65 31.68
N LEU B 24 17.76 5.62 32.43
CA LEU B 24 18.92 4.83 32.06
C LEU B 24 18.48 3.62 31.25
N ASN B 25 19.05 3.45 30.06
CA ASN B 25 18.71 2.38 29.14
C ASN B 25 19.88 1.41 28.98
N CYS B 26 19.56 0.10 28.95
CA CYS B 26 20.49 -0.91 28.45
C CYS B 26 19.79 -1.68 27.32
N TYR B 27 20.28 -1.49 26.09
CA TYR B 27 19.68 -2.11 24.91
C TYR B 27 20.63 -3.19 24.40
N VAL B 28 20.12 -4.42 24.33
CA VAL B 28 20.88 -5.58 23.84
C VAL B 28 20.19 -6.08 22.58
N SER B 29 20.96 -6.24 21.50
CA SER B 29 20.38 -6.64 20.23
C SER B 29 21.29 -7.67 19.56
N GLY B 30 20.73 -8.33 18.55
CA GLY B 30 21.50 -9.19 17.67
C GLY B 30 21.99 -10.46 18.30
N PHE B 31 21.36 -10.92 19.37
CA PHE B 31 21.80 -12.14 20.05
C PHE B 31 20.89 -13.33 19.75
N HIS B 32 21.45 -14.52 19.94
CA HIS B 32 20.78 -15.81 19.81
C HIS B 32 21.60 -16.84 20.56
N PRO B 33 21.00 -17.69 21.40
CA PRO B 33 19.56 -17.80 21.70
C PRO B 33 19.05 -16.66 22.59
N SER B 34 17.79 -16.72 23.02
CA SER B 34 17.14 -15.64 23.75
C SER B 34 17.45 -15.60 25.24
N ASP B 35 17.87 -16.71 25.86
CA ASP B 35 18.22 -16.67 27.28
C ASP B 35 19.36 -15.68 27.52
N ILE B 36 19.09 -14.69 28.37
CA ILE B 36 20.06 -13.63 28.63
C ILE B 36 19.78 -13.03 30.00
N GLU B 37 20.84 -12.64 30.70
CA GLU B 37 20.74 -11.94 31.97
C GLU B 37 21.25 -10.52 31.79
N VAL B 38 20.41 -9.54 32.12
CA VAL B 38 20.79 -8.13 32.07
C VAL B 38 20.48 -7.49 33.42
N ASP B 39 21.47 -6.80 33.97
CA ASP B 39 21.28 -5.97 35.16
C ASP B 39 21.82 -4.58 34.92
N LEU B 40 21.14 -3.59 35.50
CA LEU B 40 21.66 -2.24 35.61
C LEU B 40 22.30 -2.08 36.97
N LEU B 41 23.44 -1.43 37.01
CA LEU B 41 24.20 -1.29 38.25
C LEU B 41 24.34 0.18 38.61
N LYS B 42 24.15 0.48 39.89
CA LYS B 42 24.48 1.79 40.43
C LYS B 42 25.61 1.60 41.44
N ASN B 43 26.77 2.17 41.14
CA ASN B 43 27.98 2.03 41.96
C ASN B 43 28.19 0.59 42.41
N GLY B 44 28.12 -0.35 41.47
CA GLY B 44 28.43 -1.71 41.78
C GLY B 44 27.24 -2.58 42.15
N GLU B 45 26.11 -2.00 42.51
CA GLU B 45 24.99 -2.76 43.06
C GLU B 45 23.91 -2.93 42.02
N ARG B 46 23.24 -4.08 42.08
CA ARG B 46 22.12 -4.34 41.19
C ARG B 46 20.99 -3.36 41.49
N ILE B 47 20.51 -2.70 40.45
CA ILE B 47 19.29 -1.92 40.58
C ILE B 47 18.09 -2.86 40.46
N GLU B 48 17.24 -2.85 41.50
CA GLU B 48 15.89 -3.36 41.41
C GLU B 48 15.10 -2.21 40.80
N LYS B 49 13.81 -2.40 40.49
CA LYS B 49 12.93 -1.44 39.80
C LYS B 49 13.27 -1.39 38.30
N VAL B 50 14.12 -2.29 37.79
CA VAL B 50 14.36 -2.30 36.35
C VAL B 50 13.20 -2.98 35.65
N GLU B 51 12.67 -2.35 34.61
CA GLU B 51 11.71 -2.96 33.70
C GLU B 51 12.41 -3.40 32.42
N HIS B 52 11.73 -4.23 31.64
CA HIS B 52 12.28 -4.58 30.33
C HIS B 52 11.16 -4.79 29.33
N SER B 53 11.52 -4.62 28.05
CA SER B 53 10.62 -4.77 26.93
C SER B 53 10.31 -6.24 26.65
N ASP B 54 9.28 -6.46 25.84
CA ASP B 54 8.90 -7.80 25.42
C ASP B 54 9.83 -8.32 24.33
N LEU B 55 10.15 -9.62 24.41
CA LEU B 55 11.07 -10.23 23.47
C LEU B 55 10.57 -10.13 22.03
N SER B 56 11.38 -9.52 21.17
CA SER B 56 11.10 -9.44 19.74
C SER B 56 12.40 -9.72 19.00
N PHE B 57 12.32 -9.74 17.67
CA PHE B 57 13.49 -10.06 16.87
C PHE B 57 13.41 -9.36 15.53
N SER B 58 14.55 -9.35 14.83
CA SER B 58 14.75 -8.60 13.60
C SER B 58 14.52 -9.56 12.43
N LYS B 59 14.65 -9.03 11.20
CA LYS B 59 14.39 -9.87 10.04
C LYS B 59 15.35 -11.05 9.98
N ASP B 60 16.55 -10.91 10.52
CA ASP B 60 17.53 -12.00 10.55
C ASP B 60 17.31 -12.97 11.71
N TRP B 61 16.24 -12.82 12.48
CA TRP B 61 15.80 -13.69 13.58
C TRP B 61 16.55 -13.45 14.87
N SER B 62 17.45 -12.47 14.94
CA SER B 62 18.18 -12.19 16.18
C SER B 62 17.35 -11.31 17.10
N PHE B 63 17.53 -11.49 18.40
CA PHE B 63 16.63 -10.93 19.40
C PHE B 63 17.11 -9.54 19.83
N TYR B 64 16.18 -8.76 20.37
CA TYR B 64 16.54 -7.51 21.03
C TYR B 64 15.68 -7.30 22.27
N LEU B 65 16.26 -6.62 23.26
CA LEU B 65 15.57 -6.31 24.51
C LEU B 65 16.05 -4.95 25.01
N LEU B 66 15.13 -4.19 25.61
CA LEU B 66 15.45 -2.93 26.28
C LEU B 66 15.19 -3.08 27.77
N TYR B 67 16.22 -2.84 28.58
CA TYR B 67 16.07 -2.74 30.03
C TYR B 67 16.19 -1.29 30.43
N TYR B 68 15.37 -0.84 31.37
CA TYR B 68 15.38 0.59 31.66
C TYR B 68 14.93 0.85 33.08
N THR B 69 15.39 1.98 33.60
CA THR B 69 14.98 2.48 34.91
C THR B 69 15.07 3.99 34.91
N GLU B 70 14.21 4.61 35.70
CA GLU B 70 14.29 6.03 35.96
C GLU B 70 15.47 6.32 36.87
N PHE B 71 16.21 7.39 36.59
CA PHE B 71 17.32 7.72 37.47
C PHE B 71 17.59 9.22 37.40
N THR B 72 18.33 9.71 38.40
CA THR B 72 18.80 11.10 38.41
C THR B 72 20.32 11.10 38.45
N PRO B 73 20.98 11.48 37.35
CA PRO B 73 22.44 11.47 37.34
C PRO B 73 23.02 12.49 38.30
N THR B 74 24.15 12.13 38.89
CA THR B 74 24.97 13.05 39.66
C THR B 74 26.38 12.97 39.08
N GLU B 75 27.25 13.85 39.56
CA GLU B 75 28.63 13.83 39.10
C GLU B 75 29.33 12.54 39.54
N LYS B 76 29.09 12.15 40.78
CA LYS B 76 29.86 11.08 41.41
C LYS B 76 29.35 9.67 41.09
N ASP B 77 28.07 9.50 40.78
CA ASP B 77 27.48 8.17 40.72
C ASP B 77 27.84 7.47 39.40
N GLU B 78 28.28 6.21 39.51
CA GLU B 78 28.69 5.42 38.34
C GLU B 78 27.60 4.41 37.99
N TYR B 79 27.23 4.37 36.72
CA TYR B 79 26.19 3.47 36.22
C TYR B 79 26.77 2.54 35.17
N ALA B 80 26.32 1.28 35.19
CA ALA B 80 26.83 0.26 34.28
C ALA B 80 25.74 -0.74 33.99
N CYS B 81 25.95 -1.52 32.92
CA CYS B 81 25.06 -2.60 32.55
C CYS B 81 25.86 -3.89 32.50
N ARG B 82 25.35 -4.92 33.16
CA ARG B 82 25.99 -6.22 33.23
C ARG B 82 25.15 -7.21 32.44
N VAL B 83 25.76 -7.85 31.44
CA VAL B 83 25.07 -8.79 30.57
C VAL B 83 25.78 -10.14 30.65
N ASN B 84 25.00 -11.21 30.80
CA ASN B 84 25.51 -12.56 30.64
C ASN B 84 24.67 -13.33 29.62
N HIS B 85 25.34 -14.25 28.92
CA HIS B 85 24.82 -14.94 27.75
C HIS B 85 25.75 -16.11 27.49
N VAL B 86 25.24 -17.11 26.76
CA VAL B 86 26.05 -18.30 26.50
C VAL B 86 27.29 -17.95 25.69
N THR B 87 27.22 -16.88 24.89
CA THR B 87 28.35 -16.51 24.04
C THR B 87 29.43 -15.79 24.82
N LEU B 88 29.17 -15.43 26.07
CA LEU B 88 30.10 -14.66 26.89
C LEU B 88 30.72 -15.58 27.95
N SER B 89 32.06 -15.59 28.00
CA SER B 89 32.78 -16.45 28.92
C SER B 89 32.56 -16.03 30.38
N GLN B 90 32.37 -14.75 30.62
CA GLN B 90 31.99 -14.22 31.92
C GLN B 90 31.09 -13.03 31.64
N PRO B 91 30.37 -12.55 32.66
CA PRO B 91 29.54 -11.35 32.44
C PRO B 91 30.38 -10.23 31.84
N LYS B 92 29.76 -9.44 30.97
CA LYS B 92 30.41 -8.30 30.33
C LYS B 92 29.76 -7.05 30.90
N ILE B 93 30.57 -6.15 31.42
CA ILE B 93 30.08 -4.94 32.08
C ILE B 93 30.44 -3.75 31.19
N VAL B 94 29.41 -3.03 30.76
CA VAL B 94 29.57 -1.81 29.98
C VAL B 94 29.20 -0.62 30.87
N LYS B 95 30.16 0.27 31.07
CA LYS B 95 29.94 1.49 31.83
C LYS B 95 29.22 2.54 31.00
N TRP B 96 28.43 3.38 31.69
CA TRP B 96 27.75 4.50 31.06
C TRP B 96 28.75 5.64 30.82
N ASP B 97 28.85 6.07 29.57
CA ASP B 97 29.69 7.21 29.17
C ASP B 97 28.76 8.29 28.64
N ARG B 98 28.54 9.32 29.44
CA ARG B 98 27.61 10.39 29.12
C ARG B 98 28.17 11.42 28.14
N ASP B 99 29.46 11.32 27.78
CA ASP B 99 30.15 12.36 27.03
C ASP B 99 30.52 11.91 25.63
N MET B 100 29.74 11.00 25.07
CA MET B 100 29.95 10.52 23.71
C MET B 100 29.37 11.50 22.69
N GLY C 1 -16.28 -4.19 1.35
CA GLY C 1 -17.21 -3.15 1.75
C GLY C 1 -16.67 -1.73 1.63
N SER C 2 -15.56 -1.56 0.90
CA SER C 2 -14.93 -0.25 0.71
C SER C 2 -15.47 0.46 -0.52
N HIS C 3 -15.54 1.79 -0.47
CA HIS C 3 -16.29 2.56 -1.48
C HIS C 3 -15.61 3.91 -1.73
N SER C 4 -15.95 4.52 -2.88
CA SER C 4 -15.43 5.81 -3.30
C SER C 4 -16.53 6.68 -3.91
N MET C 5 -16.38 8.01 -3.78
CA MET C 5 -17.06 9.01 -4.60
C MET C 5 -16.03 9.86 -5.34
N ARG C 6 -16.28 10.13 -6.63
CA ARG C 6 -15.33 10.87 -7.45
C ARG C 6 -16.04 11.77 -8.46
N TYR C 7 -15.52 12.99 -8.60
CA TYR C 7 -15.95 13.94 -9.62
C TYR C 7 -14.83 14.12 -10.66
N PHE C 8 -15.21 14.12 -11.93
CA PHE C 8 -14.26 14.27 -13.04
C PHE C 8 -14.69 15.46 -13.91
N PHE C 9 -13.75 16.37 -14.17
CA PHE C 9 -14.03 17.56 -14.97
C PHE C 9 -13.05 17.66 -16.12
N THR C 10 -13.57 18.06 -17.28
CA THR C 10 -12.77 18.20 -18.49
C THR C 10 -13.15 19.50 -19.18
N SER C 11 -12.17 20.37 -19.42
CA SER C 11 -12.40 21.59 -20.19
C SER C 11 -11.39 21.64 -21.33
N VAL C 12 -11.88 21.96 -22.52
CA VAL C 12 -11.08 21.92 -23.74
C VAL C 12 -11.32 23.22 -24.48
N SER C 13 -10.25 23.98 -24.70
CA SER C 13 -10.37 25.23 -25.43
C SER C 13 -10.50 24.92 -26.91
N ARG C 14 -11.22 25.79 -27.63
CA ARG C 14 -11.43 25.63 -29.06
C ARG C 14 -11.30 27.00 -29.71
N PRO C 15 -10.08 27.38 -30.08
CA PRO C 15 -9.78 28.73 -30.61
C PRO C 15 -10.71 29.25 -31.70
N GLY C 16 -11.24 30.45 -31.50
CA GLY C 16 -12.10 31.08 -32.48
C GLY C 16 -13.35 30.31 -32.83
N ARG C 17 -13.76 29.40 -31.95
CA ARG C 17 -15.01 28.68 -32.08
C ARG C 17 -15.76 28.69 -30.76
N GLY C 18 -15.64 29.78 -30.01
CA GLY C 18 -16.49 29.97 -28.87
C GLY C 18 -15.81 29.69 -27.55
N GLU C 19 -16.62 29.50 -26.52
CA GLU C 19 -16.12 29.15 -25.20
C GLU C 19 -15.60 27.71 -25.17
N PRO C 20 -14.72 27.39 -24.22
CA PRO C 20 -14.26 26.01 -24.08
C PRO C 20 -15.43 25.08 -23.82
N ARG C 21 -15.28 23.82 -24.18
CA ARG C 21 -16.27 22.81 -23.80
C ARG C 21 -15.93 22.21 -22.44
N PHE C 22 -16.90 22.26 -21.53
CA PHE C 22 -16.77 21.73 -20.19
C PHE C 22 -17.70 20.53 -20.04
N ILE C 23 -17.16 19.41 -19.56
CA ILE C 23 -17.94 18.23 -19.23
C ILE C 23 -17.57 17.81 -17.82
N ALA C 24 -18.58 17.48 -17.01
CA ALA C 24 -18.38 17.00 -15.65
C ALA C 24 -19.22 15.77 -15.43
N VAL C 25 -18.64 14.77 -14.74
CA VAL C 25 -19.37 13.57 -14.35
C VAL C 25 -19.05 13.22 -12.90
N GLY C 26 -20.00 12.57 -12.24
CA GLY C 26 -19.81 12.11 -10.88
C GLY C 26 -20.07 10.63 -10.75
N TYR C 27 -19.28 9.97 -9.91
CA TYR C 27 -19.36 8.53 -9.74
C TYR C 27 -19.44 8.16 -8.27
N VAL C 28 -20.21 7.11 -7.98
CA VAL C 28 -20.04 6.35 -6.75
C VAL C 28 -19.54 4.98 -7.16
N ASP C 29 -18.34 4.62 -6.69
CA ASP C 29 -17.63 3.46 -7.22
C ASP C 29 -17.62 3.50 -8.73
N ASP C 30 -18.13 2.46 -9.39
CA ASP C 30 -18.14 2.40 -10.84
C ASP C 30 -19.52 2.70 -11.44
N THR C 31 -20.33 3.49 -10.73
CA THR C 31 -21.69 3.81 -11.14
C THR C 31 -21.82 5.32 -11.29
N GLN C 32 -22.09 5.78 -12.51
CA GLN C 32 -22.27 7.21 -12.75
C GLN C 32 -23.62 7.67 -12.24
N PHE C 33 -23.66 8.86 -11.63
CA PHE C 33 -24.91 9.39 -11.10
C PHE C 33 -25.24 10.82 -11.50
N VAL C 34 -24.30 11.63 -12.00
CA VAL C 34 -24.61 12.97 -12.49
C VAL C 34 -23.74 13.28 -13.69
N ARG C 35 -24.22 14.20 -14.54
CA ARG C 35 -23.44 14.77 -15.62
C ARG C 35 -23.77 16.25 -15.81
N PHE C 36 -22.80 16.98 -16.36
CA PHE C 36 -23.02 18.32 -16.91
C PHE C 36 -22.27 18.47 -18.22
N ASP C 37 -22.95 18.98 -19.24
CA ASP C 37 -22.32 19.27 -20.52
C ASP C 37 -22.61 20.72 -20.90
N SER C 38 -21.55 21.52 -21.04
CA SER C 38 -21.72 22.95 -21.31
C SER C 38 -22.32 23.21 -22.69
N ASP C 39 -22.26 22.25 -23.60
CA ASP C 39 -22.84 22.41 -24.93
C ASP C 39 -24.30 22.00 -24.99
N ALA C 40 -24.78 21.25 -23.99
CA ALA C 40 -26.16 20.80 -23.97
C ALA C 40 -27.12 21.96 -23.71
N ALA C 41 -28.38 21.77 -24.13
CA ALA C 41 -29.38 22.83 -24.06
C ALA C 41 -29.89 23.07 -22.64
N SER C 42 -29.92 22.04 -21.80
CA SER C 42 -30.60 22.16 -20.51
C SER C 42 -29.87 23.10 -19.56
N GLN C 43 -28.53 23.13 -19.62
CA GLN C 43 -27.71 23.91 -18.69
C GLN C 43 -28.06 23.59 -17.25
N ARG C 44 -28.24 22.30 -16.97
CA ARG C 44 -28.53 21.80 -15.64
C ARG C 44 -27.63 20.61 -15.33
N MET C 45 -27.30 20.45 -14.06
CA MET C 45 -26.81 19.16 -13.62
C MET C 45 -27.92 18.14 -13.75
N GLU C 46 -27.61 16.99 -14.34
CA GLU C 46 -28.67 16.05 -14.62
C GLU C 46 -28.40 14.72 -13.96
N PRO C 47 -29.45 14.04 -13.48
CA PRO C 47 -29.25 12.71 -12.90
C PRO C 47 -28.94 11.69 -13.98
N ARG C 48 -28.11 10.71 -13.62
CA ARG C 48 -27.79 9.61 -14.50
C ARG C 48 -27.98 8.27 -13.79
N ALA C 49 -28.54 8.28 -12.58
CA ALA C 49 -28.80 7.09 -11.80
C ALA C 49 -30.19 7.21 -11.20
N PRO C 50 -30.96 6.12 -11.14
CA PRO C 50 -32.30 6.19 -10.53
C PRO C 50 -32.30 6.70 -9.09
N TRP C 51 -31.31 6.32 -8.29
CA TRP C 51 -31.36 6.60 -6.85
C TRP C 51 -31.05 8.05 -6.50
N ILE C 52 -30.55 8.86 -7.44
CA ILE C 52 -30.29 10.27 -7.16
C ILE C 52 -31.46 11.15 -7.59
N GLU C 53 -32.39 10.61 -8.38
CA GLU C 53 -33.56 11.37 -8.82
C GLU C 53 -34.41 11.84 -7.65
N GLN C 54 -34.39 11.10 -6.54
CA GLN C 54 -35.16 11.47 -5.35
C GLN C 54 -34.69 12.74 -4.66
N GLU C 55 -33.49 13.24 -4.96
CA GLU C 55 -33.05 14.49 -4.36
C GLU C 55 -33.96 15.63 -4.80
N GLY C 56 -34.21 16.56 -3.88
CA GLY C 56 -35.12 17.66 -4.13
C GLY C 56 -34.49 18.77 -4.94
N PRO C 57 -35.30 19.78 -5.25
CA PRO C 57 -34.82 20.84 -6.15
C PRO C 57 -33.69 21.66 -5.57
N GLU C 58 -33.57 21.75 -4.24
CA GLU C 58 -32.46 22.49 -3.65
C GLU C 58 -31.15 21.85 -4.07
N TYR C 59 -31.10 20.52 -4.00
CA TYR C 59 -29.94 19.78 -4.47
C TYR C 59 -29.60 20.12 -5.92
N TRP C 60 -30.58 19.97 -6.82
CA TRP C 60 -30.30 20.17 -8.23
C TRP C 60 -29.94 21.62 -8.54
N ASP C 61 -30.66 22.57 -7.92
CA ASP C 61 -30.31 23.97 -8.11
C ASP C 61 -28.89 24.23 -7.63
N GLY C 62 -28.51 23.68 -6.49
CA GLY C 62 -27.20 23.95 -5.92
C GLY C 62 -26.08 23.28 -6.68
N GLU C 63 -26.29 22.03 -7.11
CA GLU C 63 -25.28 21.33 -7.89
C GLU C 63 -25.12 21.95 -9.27
N THR C 64 -26.18 22.53 -9.83
CA THR C 64 -26.05 23.25 -11.09
C THR C 64 -25.24 24.53 -10.89
N ARG C 65 -25.52 25.24 -9.80
CA ARG C 65 -24.80 26.45 -9.48
C ARG C 65 -23.31 26.17 -9.32
N LYS C 66 -22.98 25.13 -8.57
CA LYS C 66 -21.59 24.82 -8.26
C LYS C 66 -20.84 24.26 -9.46
N VAL C 67 -21.51 23.48 -10.31
CA VAL C 67 -20.81 22.90 -11.46
C VAL C 67 -20.53 23.97 -12.50
N LYS C 68 -21.46 24.93 -12.64
CA LYS C 68 -21.18 26.10 -13.47
C LYS C 68 -20.01 26.91 -12.91
N ALA C 69 -19.86 26.93 -11.59
CA ALA C 69 -18.72 27.62 -10.99
C ALA C 69 -17.42 26.91 -11.36
N HIS C 70 -17.41 25.58 -11.27
CA HIS C 70 -16.26 24.81 -11.72
C HIS C 70 -15.97 25.05 -13.19
N SER C 71 -17.01 25.12 -14.02
CA SER C 71 -16.82 25.45 -15.42
C SER C 71 -16.08 26.76 -15.59
N GLN C 72 -16.38 27.75 -14.74
CA GLN C 72 -15.78 29.07 -14.90
C GLN C 72 -14.33 29.12 -14.43
N THR C 73 -13.98 28.41 -13.35
CA THR C 73 -12.58 28.38 -12.93
C THR C 73 -11.71 27.73 -13.99
N HIS C 74 -12.17 26.61 -14.56
CA HIS C 74 -11.36 25.92 -15.56
C HIS C 74 -11.24 26.77 -16.81
N ARG C 75 -12.20 27.65 -17.03
CA ARG C 75 -12.14 28.58 -18.16
C ARG C 75 -11.03 29.60 -17.94
N VAL C 76 -10.95 30.15 -16.73
CA VAL C 76 -9.82 31.02 -16.37
C VAL C 76 -8.52 30.23 -16.39
N ASP C 77 -8.55 28.99 -15.89
CA ASP C 77 -7.32 28.19 -15.82
C ASP C 77 -6.68 28.01 -17.17
N LEU C 78 -7.48 27.86 -18.23
CA LEU C 78 -6.92 27.67 -19.56
C LEU C 78 -6.11 28.90 -19.98
N GLY C 79 -6.62 30.08 -19.66
CA GLY C 79 -5.85 31.30 -19.89
C GLY C 79 -4.61 31.38 -19.02
N THR C 80 -4.72 31.02 -17.74
CA THR C 80 -3.57 31.04 -16.84
C THR C 80 -2.44 30.17 -17.38
N LEU C 81 -2.78 28.94 -17.79
CA LEU C 81 -1.76 28.00 -18.24
C LEU C 81 -1.15 28.44 -19.56
N ARG C 82 -1.94 29.05 -20.45
CA ARG C 82 -1.36 29.65 -21.65
C ARG C 82 -0.22 30.59 -21.28
N GLY C 83 -0.45 31.39 -20.23
CA GLY C 83 0.57 32.35 -19.81
C GLY C 83 1.77 31.64 -19.21
N TYR C 84 1.53 30.66 -18.33
CA TYR C 84 2.65 30.00 -17.68
C TYR C 84 3.53 29.31 -18.71
N TYR C 85 2.95 28.69 -19.73
CA TYR C 85 3.70 27.88 -20.67
C TYR C 85 4.05 28.62 -21.95
N ASN C 86 3.83 29.94 -21.99
CA ASN C 86 4.00 30.81 -23.17
C ASN C 86 3.45 30.14 -24.42
N GLN C 87 2.18 29.76 -24.35
CA GLN C 87 1.58 29.10 -25.50
C GLN C 87 0.68 30.09 -26.22
N SER C 88 0.56 29.91 -27.53
CA SER C 88 -0.31 30.77 -28.30
C SER C 88 -1.72 30.22 -28.24
N GLU C 89 -2.61 30.82 -29.02
CA GLU C 89 -3.97 30.34 -29.20
C GLU C 89 -4.17 29.65 -30.54
N ALA C 90 -3.07 29.30 -31.22
CA ALA C 90 -3.16 28.44 -32.39
C ALA C 90 -3.73 27.07 -32.01
N GLY C 91 -3.60 26.70 -30.75
CA GLY C 91 -3.78 25.32 -30.32
C GLY C 91 -4.91 25.18 -29.31
N SER C 92 -5.62 24.05 -29.41
CA SER C 92 -6.56 23.66 -28.38
C SER C 92 -5.78 23.00 -27.24
N HIS C 93 -6.25 23.21 -26.01
CA HIS C 93 -5.60 22.64 -24.83
C HIS C 93 -6.66 22.09 -23.89
N THR C 94 -6.21 21.30 -22.90
CA THR C 94 -7.10 20.53 -22.07
C THR C 94 -6.70 20.64 -20.61
N VAL C 95 -7.66 20.96 -19.75
CA VAL C 95 -7.49 20.87 -18.32
C VAL C 95 -8.42 19.79 -17.79
N GLN C 96 -7.94 19.04 -16.82
CA GLN C 96 -8.71 17.96 -16.21
C GLN C 96 -8.54 18.07 -14.71
N ARG C 97 -9.63 17.90 -13.99
CA ARG C 97 -9.57 17.85 -12.54
C ARG C 97 -10.41 16.69 -12.04
N MET C 98 -9.90 16.05 -11.01
CA MET C 98 -10.55 14.92 -10.35
C MET C 98 -10.37 15.10 -8.86
N TYR C 99 -11.45 14.98 -8.10
CA TYR C 99 -11.33 14.92 -6.66
C TYR C 99 -12.40 13.97 -6.11
N GLY C 100 -12.21 13.58 -4.86
CA GLY C 100 -13.16 12.69 -4.20
C GLY C 100 -12.55 12.07 -2.96
N CYS C 101 -13.32 11.14 -2.39
CA CYS C 101 -13.00 10.52 -1.11
C CYS C 101 -13.31 9.03 -1.13
N ASP C 102 -12.58 8.27 -0.31
CA ASP C 102 -12.81 6.84 -0.12
C ASP C 102 -13.19 6.58 1.34
N VAL C 103 -14.10 5.64 1.55
CA VAL C 103 -14.31 5.10 2.89
C VAL C 103 -14.00 3.61 2.90
N GLY C 104 -13.72 3.11 4.10
CA GLY C 104 -13.43 1.71 4.30
C GLY C 104 -14.70 0.89 4.48
N SER C 105 -14.51 -0.39 4.80
CA SER C 105 -15.63 -1.26 5.14
C SER C 105 -16.44 -0.72 6.30
N ASP C 106 -15.80 0.00 7.22
CA ASP C 106 -16.51 0.58 8.35
C ASP C 106 -17.16 1.92 8.00
N TRP C 107 -17.04 2.36 6.75
CA TRP C 107 -17.60 3.62 6.25
C TRP C 107 -16.96 4.84 6.90
N ARG C 108 -15.81 4.66 7.54
CA ARG C 108 -15.01 5.77 8.01
C ARG C 108 -14.07 6.23 6.90
N PHE C 109 -13.76 7.53 6.91
CA PHE C 109 -12.88 8.11 5.90
C PHE C 109 -11.57 7.34 5.80
N LEU C 110 -11.15 7.07 4.56
CA LEU C 110 -9.92 6.34 4.28
C LEU C 110 -8.85 7.27 3.72
N ARG C 111 -9.12 7.87 2.57
CA ARG C 111 -8.18 8.79 1.93
C ARG C 111 -8.96 9.71 1.03
N GLY C 112 -8.35 10.85 0.73
CA GLY C 112 -8.98 11.85 -0.12
C GLY C 112 -7.97 12.31 -1.15
N TYR C 113 -8.49 12.89 -2.23
CA TYR C 113 -7.62 13.28 -3.32
C TYR C 113 -8.24 14.43 -4.11
N HIS C 114 -7.38 15.16 -4.81
CA HIS C 114 -7.73 16.37 -5.54
C HIS C 114 -6.59 16.68 -6.48
N GLN C 115 -6.79 16.44 -7.78
CA GLN C 115 -5.70 16.36 -8.73
C GLN C 115 -6.06 17.13 -9.99
N TYR C 116 -5.04 17.62 -10.69
CA TYR C 116 -5.17 18.39 -11.92
C TYR C 116 -4.23 17.82 -12.98
N ALA C 117 -4.65 17.91 -14.24
CA ALA C 117 -3.77 17.64 -15.36
C ALA C 117 -3.92 18.71 -16.44
N TYR C 118 -2.82 18.97 -17.14
CA TYR C 118 -2.81 19.90 -18.27
C TYR C 118 -2.26 19.16 -19.49
N ASP C 119 -3.03 19.16 -20.58
CA ASP C 119 -2.67 18.44 -21.81
C ASP C 119 -2.18 17.03 -21.53
N GLY C 120 -2.91 16.32 -20.68
CA GLY C 120 -2.70 14.90 -20.51
C GLY C 120 -1.60 14.53 -19.53
N LYS C 121 -0.99 15.50 -18.87
CA LYS C 121 0.14 15.29 -17.97
C LYS C 121 -0.24 15.79 -16.60
N ASP C 122 0.15 15.03 -15.55
CA ASP C 122 0.07 15.55 -14.18
C ASP C 122 0.50 17.00 -14.14
N TYR C 123 -0.30 17.81 -13.45
CA TYR C 123 0.07 19.19 -13.15
C TYR C 123 0.30 19.36 -11.66
N ILE C 124 -0.75 19.26 -10.83
CA ILE C 124 -0.59 19.37 -9.39
C ILE C 124 -1.59 18.42 -8.72
N ALA C 125 -1.19 17.91 -7.55
CA ALA C 125 -1.99 16.92 -6.84
C ALA C 125 -1.84 17.09 -5.33
N LEU C 126 -2.96 16.98 -4.63
CA LEU C 126 -2.95 16.93 -3.16
C LEU C 126 -2.33 15.62 -2.69
N LYS C 127 -1.34 15.71 -1.81
CA LYS C 127 -0.71 14.52 -1.28
C LYS C 127 -1.64 13.85 -0.26
N GLU C 128 -1.26 12.63 0.14
CA GLU C 128 -2.14 11.83 0.98
C GLU C 128 -2.27 12.37 2.40
N ASP C 129 -1.32 13.20 2.86
CA ASP C 129 -1.51 13.81 4.17
C ASP C 129 -2.57 14.91 4.14
N LEU C 130 -3.05 15.29 2.96
CA LEU C 130 -4.07 16.33 2.78
C LEU C 130 -3.59 17.68 3.29
N ARG C 131 -2.28 17.86 3.38
CA ARG C 131 -1.68 19.08 3.90
C ARG C 131 -0.73 19.75 2.90
N SER C 132 -0.25 19.01 1.89
CA SER C 132 0.84 19.46 1.03
C SER C 132 0.58 19.00 -0.40
N TRP C 133 1.35 19.57 -1.34
CA TRP C 133 1.10 19.45 -2.77
C TRP C 133 2.26 18.78 -3.49
N THR C 134 1.92 18.03 -4.55
CA THR C 134 2.89 17.53 -5.52
C THR C 134 2.75 18.32 -6.82
N ALA C 135 3.77 19.08 -7.17
CA ALA C 135 3.79 19.89 -8.39
C ALA C 135 4.75 19.26 -9.39
N ALA C 136 4.28 19.09 -10.63
CA ALA C 136 4.99 18.23 -11.58
C ALA C 136 6.15 18.96 -12.25
N ASP C 137 6.06 20.26 -12.44
CA ASP C 137 7.06 21.02 -13.19
C ASP C 137 7.09 22.43 -12.63
N MET C 138 7.84 23.31 -13.30
CA MET C 138 8.11 24.61 -12.68
C MET C 138 6.87 25.50 -12.68
N ALA C 139 6.04 25.42 -13.72
CA ALA C 139 4.80 26.20 -13.74
C ALA C 139 3.86 25.77 -12.62
N ALA C 140 3.78 24.47 -12.36
CA ALA C 140 2.90 23.99 -11.31
C ALA C 140 3.40 24.42 -9.94
N GLN C 141 4.70 24.67 -9.80
CA GLN C 141 5.21 25.25 -8.56
C GLN C 141 4.61 26.62 -8.31
N THR C 142 4.44 27.41 -9.38
CA THR C 142 3.79 28.70 -9.26
C THR C 142 2.40 28.56 -8.65
N THR C 143 1.61 27.60 -9.16
CA THR C 143 0.32 27.30 -8.56
C THR C 143 0.47 26.93 -7.09
N LYS C 144 1.45 26.07 -6.78
CA LYS C 144 1.66 25.61 -5.41
C LYS C 144 1.87 26.78 -4.45
N HIS C 145 2.68 27.75 -4.86
CA HIS C 145 2.95 28.90 -3.99
C HIS C 145 1.67 29.65 -3.69
N LYS C 146 0.88 29.91 -4.74
CA LYS C 146 -0.41 30.59 -4.58
C LYS C 146 -1.33 29.80 -3.67
N TRP C 147 -1.40 28.48 -3.87
CA TRP C 147 -2.31 27.68 -3.06
C TRP C 147 -1.85 27.56 -1.62
N GLU C 148 -0.55 27.68 -1.36
CA GLU C 148 -0.08 27.66 0.02
C GLU C 148 -0.43 28.96 0.73
N ALA C 149 -0.21 30.10 0.06
CA ALA C 149 -0.59 31.38 0.65
C ALA C 149 -2.09 31.47 0.88
N ALA C 150 -2.89 30.82 0.02
CA ALA C 150 -4.34 30.88 0.09
C ALA C 150 -4.95 29.79 0.95
N HIS C 151 -4.14 28.89 1.52
CA HIS C 151 -4.62 27.84 2.41
C HIS C 151 -5.71 27.00 1.75
N VAL C 152 -5.44 26.59 0.51
CA VAL C 152 -6.42 25.81 -0.27
C VAL C 152 -6.62 24.44 0.34
N ALA C 153 -5.51 23.79 0.75
CA ALA C 153 -5.59 22.42 1.26
C ALA C 153 -6.43 22.33 2.53
N GLU C 154 -6.34 23.34 3.41
CA GLU C 154 -7.15 23.33 4.63
C GLU C 154 -8.63 23.26 4.28
N GLN C 155 -9.08 24.09 3.35
CA GLN C 155 -10.49 24.13 2.97
C GLN C 155 -10.89 22.85 2.26
N LEU C 156 -10.00 22.30 1.43
CA LEU C 156 -10.26 21.02 0.79
C LEU C 156 -10.38 19.88 1.83
N ARG C 157 -9.43 19.81 2.78
CA ARG C 157 -9.50 18.71 3.74
C ARG C 157 -10.79 18.73 4.53
N ALA C 158 -11.33 19.93 4.79
CA ALA C 158 -12.60 20.01 5.49
C ALA C 158 -13.73 19.47 4.64
N TYR C 159 -13.76 19.83 3.36
CA TYR C 159 -14.74 19.25 2.43
C TYR C 159 -14.58 17.73 2.35
N LEU C 160 -13.34 17.28 2.13
CA LEU C 160 -13.10 15.88 1.84
C LEU C 160 -13.42 15.00 3.04
N GLU C 161 -13.07 15.46 4.24
CA GLU C 161 -13.32 14.68 5.45
C GLU C 161 -14.76 14.85 5.94
N GLY C 162 -15.45 15.88 5.48
CA GLY C 162 -16.81 16.15 5.92
C GLY C 162 -17.85 15.88 4.85
N THR C 163 -18.18 16.94 4.08
CA THR C 163 -19.23 16.87 3.08
C THR C 163 -19.10 15.64 2.17
N CYS C 164 -17.89 15.39 1.67
CA CYS C 164 -17.68 14.30 0.73
C CYS C 164 -18.06 12.96 1.34
N VAL C 165 -17.61 12.71 2.57
CA VAL C 165 -17.87 11.43 3.21
C VAL C 165 -19.34 11.32 3.57
N GLU C 166 -19.93 12.41 4.05
CA GLU C 166 -21.32 12.37 4.51
C GLU C 166 -22.27 12.08 3.36
N TRP C 167 -22.07 12.71 2.20
CA TRP C 167 -22.96 12.47 1.08
C TRP C 167 -22.67 11.16 0.37
N LEU C 168 -21.43 10.68 0.38
CA LEU C 168 -21.16 9.34 -0.12
C LEU C 168 -21.96 8.31 0.67
N ARG C 169 -21.97 8.44 2.00
CA ARG C 169 -22.76 7.54 2.84
C ARG C 169 -24.24 7.64 2.49
N ARG C 170 -24.75 8.85 2.29
CA ARG C 170 -26.15 9.02 1.91
C ARG C 170 -26.44 8.29 0.62
N TYR C 171 -25.56 8.44 -0.38
CA TYR C 171 -25.80 7.84 -1.68
C TYR C 171 -25.78 6.33 -1.60
N LEU C 172 -24.80 5.78 -0.88
CA LEU C 172 -24.71 4.34 -0.68
C LEU C 172 -25.97 3.80 -0.05
N GLU C 173 -26.57 4.55 0.87
CA GLU C 173 -27.79 4.13 1.56
C GLU C 173 -28.99 4.24 0.64
N ASN C 174 -29.14 5.37 -0.06
CA ASN C 174 -30.27 5.57 -0.95
C ASN C 174 -30.24 4.60 -2.12
N GLY C 175 -29.06 4.28 -2.64
CA GLY C 175 -28.93 3.34 -3.73
C GLY C 175 -28.41 1.96 -3.37
N LYS C 176 -28.73 1.45 -2.17
CA LYS C 176 -28.01 0.29 -1.67
C LYS C 176 -28.28 -0.94 -2.52
N GLU C 177 -29.48 -1.02 -3.10
CA GLU C 177 -29.79 -2.05 -4.09
C GLU C 177 -28.75 -2.08 -5.19
N THR C 178 -28.46 -0.91 -5.77
CA THR C 178 -27.47 -0.79 -6.83
C THR C 178 -26.05 -0.89 -6.30
N LEU C 179 -25.71 -0.04 -5.33
CA LEU C 179 -24.33 0.26 -4.99
C LEU C 179 -23.68 -0.75 -4.07
N GLN C 180 -24.44 -1.38 -3.17
CA GLN C 180 -23.85 -2.23 -2.15
C GLN C 180 -23.86 -3.69 -2.58
N ARG C 181 -24.26 -3.96 -3.82
CA ARG C 181 -24.18 -5.29 -4.39
C ARG C 181 -22.76 -5.60 -4.85
N THR C 182 -22.46 -6.89 -4.94
CA THR C 182 -21.30 -7.37 -5.66
C THR C 182 -21.75 -8.54 -6.51
N ASP C 183 -21.52 -8.45 -7.82
CA ASP C 183 -21.93 -9.48 -8.77
C ASP C 183 -20.68 -10.25 -9.20
N ALA C 184 -20.58 -11.50 -8.77
CA ALA C 184 -19.40 -12.30 -9.08
C ALA C 184 -19.34 -12.58 -10.58
N PRO C 185 -18.15 -12.66 -11.17
CA PRO C 185 -18.04 -12.91 -12.61
C PRO C 185 -18.48 -14.33 -12.97
N LYS C 186 -19.14 -14.46 -14.11
CA LYS C 186 -19.38 -15.74 -14.75
C LYS C 186 -18.23 -16.00 -15.72
N THR C 187 -17.50 -17.10 -15.50
CA THR C 187 -16.24 -17.29 -16.20
C THR C 187 -16.30 -18.53 -17.09
N HIS C 188 -15.55 -18.47 -18.18
CA HIS C 188 -15.37 -19.59 -19.08
C HIS C 188 -14.17 -19.28 -19.98
N MET C 189 -13.75 -20.29 -20.72
CA MET C 189 -12.60 -20.19 -21.61
C MET C 189 -13.03 -20.61 -23.00
N THR C 190 -12.46 -19.97 -24.02
CA THR C 190 -12.71 -20.37 -25.40
C THR C 190 -11.41 -20.81 -26.06
N HIS C 191 -11.56 -21.65 -27.08
CA HIS C 191 -10.43 -22.29 -27.75
C HIS C 191 -10.67 -22.19 -29.24
N HIS C 192 -9.73 -21.58 -29.97
CA HIS C 192 -9.85 -21.50 -31.42
C HIS C 192 -8.49 -21.63 -32.09
N ALA C 193 -8.37 -22.58 -33.02
CA ALA C 193 -7.19 -22.69 -33.86
C ALA C 193 -6.95 -21.39 -34.63
N VAL C 194 -5.68 -20.98 -34.67
CA VAL C 194 -5.26 -19.96 -35.64
C VAL C 194 -4.53 -20.59 -36.82
N SER C 195 -4.01 -21.81 -36.68
CA SER C 195 -3.36 -22.53 -37.78
C SER C 195 -3.51 -24.03 -37.51
N ASP C 196 -2.79 -24.86 -38.28
CA ASP C 196 -2.84 -26.30 -38.01
C ASP C 196 -2.09 -26.64 -36.73
N HIS C 197 -1.32 -25.72 -36.17
CA HIS C 197 -0.42 -26.01 -35.07
C HIS C 197 -0.54 -25.06 -33.87
N GLU C 198 -1.35 -24.00 -33.92
CA GLU C 198 -1.50 -23.08 -32.82
C GLU C 198 -2.98 -22.78 -32.56
N ALA C 199 -3.30 -22.47 -31.30
CA ALA C 199 -4.65 -22.14 -30.88
C ALA C 199 -4.65 -20.94 -29.94
N THR C 200 -5.66 -20.08 -30.08
CA THR C 200 -5.91 -19.01 -29.14
C THR C 200 -6.76 -19.51 -27.96
N LEU C 201 -6.22 -19.38 -26.75
CA LEU C 201 -6.99 -19.58 -25.53
C LEU C 201 -7.40 -18.22 -24.97
N ARG C 202 -8.70 -18.02 -24.78
CA ARG C 202 -9.23 -16.75 -24.27
C ARG C 202 -10.05 -17.00 -23.01
N CYS C 203 -9.70 -16.32 -21.93
CA CYS C 203 -10.37 -16.42 -20.64
C CYS C 203 -11.34 -15.27 -20.46
N TRP C 204 -12.62 -15.59 -20.24
CA TRP C 204 -13.69 -14.59 -20.14
C TRP C 204 -14.16 -14.46 -18.69
N ALA C 205 -14.50 -13.23 -18.32
CA ALA C 205 -15.24 -12.93 -17.09
C ALA C 205 -16.36 -11.98 -17.48
N LEU C 206 -17.59 -12.34 -17.13
CA LEU C 206 -18.75 -11.60 -17.58
C LEU C 206 -19.66 -11.24 -16.41
N SER C 207 -20.45 -10.18 -16.61
CA SER C 207 -21.56 -9.82 -15.71
C SER C 207 -21.10 -9.55 -14.29
N PHE C 208 -19.95 -8.90 -14.13
CA PHE C 208 -19.43 -8.65 -12.78
C PHE C 208 -19.50 -7.17 -12.41
N TYR C 209 -19.56 -6.92 -11.11
CA TYR C 209 -19.56 -5.61 -10.48
C TYR C 209 -19.02 -5.80 -9.06
N PRO C 210 -18.11 -4.93 -8.60
CA PRO C 210 -17.54 -3.77 -9.29
C PRO C 210 -16.56 -4.16 -10.40
N ALA C 211 -15.98 -3.17 -11.09
CA ALA C 211 -15.15 -3.44 -12.26
C ALA C 211 -13.79 -4.05 -11.90
N GLU C 212 -13.31 -3.86 -10.67
CA GLU C 212 -11.99 -4.36 -10.31
C GLU C 212 -11.94 -5.88 -10.41
N ILE C 213 -10.97 -6.39 -11.16
CA ILE C 213 -10.83 -7.82 -11.39
C ILE C 213 -9.41 -8.11 -11.85
N THR C 214 -8.95 -9.33 -11.61
CA THR C 214 -7.65 -9.78 -12.11
C THR C 214 -7.79 -11.10 -12.84
N LEU C 215 -7.33 -11.13 -14.09
CA LEU C 215 -7.25 -12.35 -14.89
C LEU C 215 -5.79 -12.62 -15.22
N THR C 216 -5.30 -13.81 -14.88
CA THR C 216 -3.97 -14.21 -15.29
C THR C 216 -3.97 -15.63 -15.86
N TRP C 217 -3.06 -15.86 -16.80
CA TRP C 217 -2.76 -17.18 -17.34
C TRP C 217 -1.49 -17.72 -16.70
N GLN C 218 -1.53 -19.00 -16.33
CA GLN C 218 -0.34 -19.74 -15.92
C GLN C 218 -0.08 -20.87 -16.89
N ARG C 219 1.21 -21.17 -17.10
CA ARG C 219 1.64 -22.40 -17.77
C ARG C 219 2.50 -23.20 -16.81
N ASP C 220 2.04 -24.40 -16.46
CA ASP C 220 2.66 -25.22 -15.42
C ASP C 220 2.90 -24.41 -14.15
N GLY C 221 1.93 -23.57 -13.80
CA GLY C 221 1.99 -22.79 -12.58
C GLY C 221 2.76 -21.49 -12.65
N GLU C 222 3.40 -21.18 -13.79
CA GLU C 222 4.18 -19.96 -13.94
C GLU C 222 3.38 -18.95 -14.75
N ASP C 223 3.28 -17.73 -14.24
CA ASP C 223 2.49 -16.70 -14.91
C ASP C 223 3.06 -16.38 -16.29
N GLN C 224 2.15 -16.19 -17.25
CA GLN C 224 2.53 -15.98 -18.65
C GLN C 224 2.29 -14.54 -19.03
N THR C 225 2.78 -13.61 -18.21
CA THR C 225 2.29 -12.23 -18.26
C THR C 225 2.78 -11.53 -19.53
N GLN C 226 4.02 -11.76 -19.92
CA GLN C 226 4.59 -11.09 -21.08
C GLN C 226 3.93 -11.58 -22.36
N ASP C 227 3.28 -12.73 -22.30
CA ASP C 227 2.71 -13.40 -23.46
C ASP C 227 1.20 -13.30 -23.53
N THR C 228 0.57 -12.58 -22.60
CA THR C 228 -0.88 -12.49 -22.48
C THR C 228 -1.40 -11.21 -23.14
N GLU C 229 -2.48 -11.33 -23.90
CA GLU C 229 -3.22 -10.17 -24.38
C GLU C 229 -4.35 -9.87 -23.40
N LEU C 230 -4.29 -8.69 -22.79
CA LEU C 230 -5.26 -8.27 -21.79
C LEU C 230 -5.99 -7.03 -22.31
N VAL C 231 -7.31 -7.14 -22.48
CA VAL C 231 -8.09 -5.98 -22.87
C VAL C 231 -8.49 -5.20 -21.62
N GLU C 232 -8.76 -3.91 -21.83
CA GLU C 232 -9.24 -3.06 -20.76
C GLU C 232 -10.65 -3.49 -20.35
N THR C 233 -10.89 -3.52 -19.04
CA THR C 233 -12.22 -3.82 -18.54
C THR C 233 -13.26 -2.92 -19.22
N ARG C 234 -14.37 -3.51 -19.64
CA ARG C 234 -15.29 -2.79 -20.49
C ARG C 234 -16.71 -2.87 -19.95
N PRO C 235 -17.54 -1.87 -20.21
CA PRO C 235 -18.91 -1.91 -19.71
C PRO C 235 -19.81 -2.71 -20.64
N ALA C 236 -20.68 -3.53 -20.04
CA ALA C 236 -21.68 -4.22 -20.83
C ALA C 236 -22.77 -3.25 -21.27
N GLY C 237 -22.97 -2.17 -20.53
CA GLY C 237 -24.00 -1.21 -20.80
C GLY C 237 -25.16 -1.30 -19.84
N ASP C 238 -25.19 -2.35 -19.01
CA ASP C 238 -26.29 -2.62 -18.10
C ASP C 238 -25.89 -2.46 -16.65
N GLY C 239 -24.74 -1.82 -16.40
CA GLY C 239 -24.24 -1.65 -15.05
C GLY C 239 -23.28 -2.74 -14.59
N THR C 240 -22.97 -3.72 -15.44
CA THR C 240 -21.96 -4.73 -15.17
C THR C 240 -20.84 -4.63 -16.20
N PHE C 241 -19.77 -5.38 -15.96
CA PHE C 241 -18.54 -5.24 -16.73
C PHE C 241 -18.07 -6.57 -17.28
N GLN C 242 -17.18 -6.49 -18.27
CA GLN C 242 -16.61 -7.64 -18.96
C GLN C 242 -15.10 -7.49 -19.10
N LYS C 243 -14.39 -8.62 -19.15
CA LYS C 243 -12.96 -8.64 -19.41
C LYS C 243 -12.56 -9.99 -20.00
N TRP C 244 -11.57 -9.99 -20.90
CA TRP C 244 -10.92 -11.24 -21.29
C TRP C 244 -9.41 -11.11 -21.39
N ALA C 245 -8.74 -12.26 -21.28
CA ALA C 245 -7.29 -12.41 -21.45
C ALA C 245 -7.04 -13.59 -22.38
N ALA C 246 -6.13 -13.41 -23.35
CA ALA C 246 -5.81 -14.47 -24.30
C ALA C 246 -4.32 -14.79 -24.34
N VAL C 247 -4.02 -16.08 -24.55
CA VAL C 247 -2.71 -16.54 -24.98
C VAL C 247 -2.86 -17.39 -26.23
N VAL C 248 -1.83 -17.37 -27.08
CA VAL C 248 -1.71 -18.29 -28.22
C VAL C 248 -0.74 -19.40 -27.83
N VAL C 249 -1.17 -20.65 -27.98
CA VAL C 249 -0.40 -21.79 -27.48
C VAL C 249 -0.19 -22.78 -28.60
N PRO C 250 0.86 -23.61 -28.52
CA PRO C 250 0.95 -24.81 -29.36
C PRO C 250 -0.20 -25.77 -29.13
N SER C 251 -0.89 -26.13 -30.22
CA SER C 251 -1.90 -27.18 -30.17
C SER C 251 -1.32 -28.44 -29.55
N GLY C 252 -2.02 -28.98 -28.55
CA GLY C 252 -1.54 -30.13 -27.80
C GLY C 252 -1.17 -29.82 -26.38
N GLN C 253 -0.87 -28.56 -26.07
CA GLN C 253 -0.34 -28.14 -24.78
C GLN C 253 -1.42 -27.51 -23.90
N GLU C 254 -2.70 -27.63 -24.30
CA GLU C 254 -3.77 -26.93 -23.60
C GLU C 254 -3.80 -27.25 -22.12
N GLN C 255 -3.46 -28.49 -21.75
CA GLN C 255 -3.64 -28.95 -20.38
C GLN C 255 -2.63 -28.30 -19.44
N ARG C 256 -1.56 -27.72 -20.00
CA ARG C 256 -0.56 -27.01 -19.21
C ARG C 256 -1.03 -25.64 -18.76
N TYR C 257 -2.05 -25.09 -19.43
CA TYR C 257 -2.48 -23.71 -19.22
C TYR C 257 -3.71 -23.63 -18.34
N THR C 258 -3.71 -22.69 -17.39
CA THR C 258 -4.82 -22.45 -16.48
C THR C 258 -5.10 -20.96 -16.40
N CYS C 259 -6.38 -20.61 -16.29
CA CYS C 259 -6.79 -19.23 -16.08
C CYS C 259 -7.21 -19.02 -14.63
N HIS C 260 -6.84 -17.85 -14.09
CA HIS C 260 -7.00 -17.55 -12.67
C HIS C 260 -7.75 -16.23 -12.53
N VAL C 261 -8.88 -16.25 -11.81
CA VAL C 261 -9.77 -15.09 -11.73
C VAL C 261 -9.87 -14.65 -10.28
N GLN C 262 -9.59 -13.37 -10.02
CA GLN C 262 -9.73 -12.76 -8.71
C GLN C 262 -10.75 -11.63 -8.78
N HIS C 263 -11.73 -11.66 -7.89
CA HIS C 263 -12.77 -10.65 -7.82
C HIS C 263 -13.39 -10.74 -6.43
N GLU C 264 -13.83 -9.59 -5.91
CA GLU C 264 -14.30 -9.57 -4.53
C GLU C 264 -15.62 -10.31 -4.36
N GLY C 265 -16.36 -10.51 -5.46
CA GLY C 265 -17.57 -11.31 -5.45
C GLY C 265 -17.37 -12.80 -5.30
N LEU C 266 -16.15 -13.28 -5.55
CA LEU C 266 -15.91 -14.72 -5.43
C LEU C 266 -15.52 -15.08 -4.00
N PRO C 267 -16.18 -16.07 -3.38
CA PRO C 267 -15.67 -16.60 -2.10
C PRO C 267 -14.21 -17.04 -2.17
N LYS C 268 -13.79 -17.64 -3.27
CA LYS C 268 -12.42 -18.07 -3.50
C LYS C 268 -12.03 -17.74 -4.93
N PRO C 269 -10.75 -17.49 -5.19
CA PRO C 269 -10.30 -17.31 -6.59
C PRO C 269 -10.53 -18.57 -7.41
N LEU C 270 -10.90 -18.38 -8.68
CA LEU C 270 -11.18 -19.50 -9.55
C LEU C 270 -9.96 -19.89 -10.37
N THR C 271 -9.81 -21.19 -10.60
CA THR C 271 -8.87 -21.73 -11.58
C THR C 271 -9.68 -22.51 -12.61
N LEU C 272 -9.59 -22.10 -13.88
CA LEU C 272 -10.23 -22.83 -14.96
C LEU C 272 -9.18 -23.62 -15.73
N ARG C 273 -9.57 -24.81 -16.15
CA ARG C 273 -8.65 -25.80 -16.70
C ARG C 273 -9.16 -26.31 -18.02
N TRP C 274 -8.25 -26.91 -18.78
CA TRP C 274 -8.60 -27.61 -20.02
C TRP C 274 -8.61 -29.11 -19.80
N GLU C 275 -9.18 -29.55 -18.68
CA GLU C 275 -9.34 -30.96 -18.35
C GLU C 275 -10.24 -31.08 -17.14
N MET D 1 3.22 17.43 -27.42
CA MET D 1 1.95 17.24 -26.71
C MET D 1 1.62 15.76 -26.64
N ILE D 2 1.15 15.30 -25.48
CA ILE D 2 0.84 13.88 -25.30
C ILE D 2 -0.28 13.47 -26.24
N GLN D 3 -0.09 12.32 -26.89
CA GLN D 3 -1.14 11.68 -27.68
C GLN D 3 -1.21 10.20 -27.31
N ARG D 4 -2.42 9.71 -27.08
CA ARG D 4 -2.65 8.31 -26.74
C ARG D 4 -3.70 7.73 -27.68
N THR D 5 -3.38 6.59 -28.27
CA THR D 5 -4.22 5.98 -29.29
C THR D 5 -5.42 5.30 -28.63
N PRO D 6 -6.63 5.45 -29.18
CA PRO D 6 -7.80 4.78 -28.60
C PRO D 6 -7.71 3.26 -28.76
N LYS D 7 -8.00 2.55 -27.67
CA LYS D 7 -8.17 1.10 -27.72
C LYS D 7 -9.65 0.80 -27.96
N ILE D 8 -9.94 0.10 -29.06
CA ILE D 8 -11.32 -0.07 -29.54
C ILE D 8 -11.80 -1.49 -29.29
N GLN D 9 -13.04 -1.62 -28.84
CA GLN D 9 -13.71 -2.92 -28.70
C GLN D 9 -15.13 -2.85 -29.24
N VAL D 10 -15.47 -3.80 -30.11
CA VAL D 10 -16.82 -3.94 -30.65
C VAL D 10 -17.37 -5.28 -30.15
N TYR D 11 -18.52 -5.24 -29.49
CA TYR D 11 -19.03 -6.42 -28.80
C TYR D 11 -20.51 -6.22 -28.48
N SER D 12 -21.19 -7.34 -28.28
CA SER D 12 -22.59 -7.32 -27.85
C SER D 12 -22.69 -7.45 -26.34
N ARG D 13 -23.71 -6.83 -25.78
CA ARG D 13 -23.94 -6.90 -24.33
C ARG D 13 -24.12 -8.34 -23.88
N HIS D 14 -24.97 -9.09 -24.58
CA HIS D 14 -25.31 -10.46 -24.26
C HIS D 14 -24.77 -11.39 -25.34
N PRO D 15 -24.59 -12.68 -25.04
CA PRO D 15 -24.27 -13.63 -26.10
C PRO D 15 -25.23 -13.49 -27.27
N ALA D 16 -24.67 -13.28 -28.46
CA ALA D 16 -25.47 -12.94 -29.62
C ALA D 16 -26.21 -14.17 -30.11
N GLU D 17 -27.45 -13.98 -30.52
CA GLU D 17 -28.29 -15.05 -31.03
C GLU D 17 -29.17 -14.49 -32.13
N ASN D 18 -29.07 -15.07 -33.33
CA ASN D 18 -29.79 -14.56 -34.49
C ASN D 18 -31.29 -14.44 -34.20
N GLY D 19 -31.85 -13.29 -34.58
CA GLY D 19 -33.26 -13.02 -34.38
C GLY D 19 -33.67 -12.53 -33.00
N LYS D 20 -32.72 -12.37 -32.07
CA LYS D 20 -33.03 -11.91 -30.72
C LYS D 20 -32.39 -10.54 -30.50
N SER D 21 -33.19 -9.58 -30.05
CA SER D 21 -32.70 -8.21 -29.92
C SER D 21 -31.66 -8.13 -28.82
N ASN D 22 -30.67 -7.27 -29.04
CA ASN D 22 -29.46 -7.21 -28.22
C ASN D 22 -28.96 -5.77 -28.23
N PHE D 23 -27.73 -5.56 -27.74
CA PHE D 23 -27.12 -4.24 -27.79
C PHE D 23 -25.75 -4.37 -28.43
N LEU D 24 -25.48 -3.51 -29.42
CA LEU D 24 -24.16 -3.41 -30.02
C LEU D 24 -23.37 -2.30 -29.32
N ASN D 25 -22.20 -2.63 -28.81
CA ASN D 25 -21.34 -1.69 -28.09
C ASN D 25 -20.05 -1.42 -28.87
N CYS D 26 -19.63 -0.15 -28.90
CA CYS D 26 -18.27 0.22 -29.30
C CYS D 26 -17.65 1.01 -28.15
N TYR D 27 -16.66 0.41 -27.51
CA TYR D 27 -15.99 1.02 -26.35
C TYR D 27 -14.58 1.43 -26.76
N VAL D 28 -14.28 2.72 -26.59
CA VAL D 28 -12.98 3.28 -26.91
C VAL D 28 -12.39 3.83 -25.61
N SER D 29 -11.17 3.42 -25.28
CA SER D 29 -10.57 3.83 -24.02
C SER D 29 -9.10 4.19 -24.24
N GLY D 30 -8.55 4.88 -23.24
CA GLY D 30 -7.12 5.13 -23.19
C GLY D 30 -6.62 6.11 -24.21
N PHE D 31 -7.48 7.01 -24.71
CA PHE D 31 -7.06 7.96 -25.72
C PHE D 31 -6.89 9.37 -25.14
N HIS D 32 -6.12 10.18 -25.85
CA HIS D 32 -5.84 11.59 -25.56
C HIS D 32 -5.34 12.24 -26.84
N PRO D 33 -5.87 13.43 -27.22
CA PRO D 33 -6.92 14.20 -26.55
C PRO D 33 -8.32 13.60 -26.73
N SER D 34 -9.35 14.32 -26.27
CA SER D 34 -10.72 13.82 -26.25
C SER D 34 -11.46 13.93 -27.57
N ASP D 35 -11.05 14.82 -28.47
CA ASP D 35 -11.73 14.92 -29.76
C ASP D 35 -11.59 13.62 -30.54
N ILE D 36 -12.73 13.01 -30.88
CA ILE D 36 -12.75 11.68 -31.48
C ILE D 36 -14.05 11.53 -32.25
N GLU D 37 -13.98 10.79 -33.35
CA GLU D 37 -15.16 10.43 -34.13
C GLU D 37 -15.38 8.94 -34.01
N VAL D 38 -16.58 8.55 -33.56
CA VAL D 38 -16.95 7.14 -33.47
C VAL D 38 -18.29 6.94 -34.17
N ASP D 39 -18.34 5.97 -35.07
CA ASP D 39 -19.58 5.56 -35.69
C ASP D 39 -19.70 4.04 -35.65
N LEU D 40 -20.94 3.57 -35.48
CA LEU D 40 -21.26 2.17 -35.67
C LEU D 40 -21.76 1.98 -37.09
N LEU D 41 -21.31 0.91 -37.74
CA LEU D 41 -21.59 0.66 -39.15
C LEU D 41 -22.35 -0.64 -39.33
N LYS D 42 -23.38 -0.61 -40.19
CA LYS D 42 -24.10 -1.79 -40.62
C LYS D 42 -23.94 -1.95 -42.12
N ASN D 43 -23.32 -3.06 -42.54
CA ASN D 43 -23.02 -3.35 -43.94
C ASN D 43 -22.46 -2.12 -44.65
N GLY D 44 -21.48 -1.48 -44.01
CA GLY D 44 -20.73 -0.40 -44.61
C GLY D 44 -21.25 0.99 -44.27
N GLU D 45 -22.49 1.09 -43.82
CA GLU D 45 -23.16 2.37 -43.67
C GLU D 45 -23.33 2.77 -42.20
N ARG D 46 -23.40 4.08 -41.99
CA ARG D 46 -23.61 4.64 -40.67
C ARG D 46 -24.96 4.21 -40.08
N ILE D 47 -24.92 3.70 -38.86
CA ILE D 47 -26.12 3.55 -38.06
C ILE D 47 -26.42 4.91 -37.42
N GLU D 48 -27.60 5.43 -37.66
CA GLU D 48 -27.98 6.64 -36.97
C GLU D 48 -28.65 6.32 -35.63
N LYS D 49 -28.76 7.34 -34.79
CA LYS D 49 -29.42 7.27 -33.48
C LYS D 49 -28.58 6.50 -32.46
N VAL D 50 -27.28 6.36 -32.71
CA VAL D 50 -26.37 5.76 -31.75
C VAL D 50 -26.23 6.70 -30.57
N GLU D 51 -26.32 6.16 -29.35
CA GLU D 51 -26.12 6.91 -28.13
C GLU D 51 -24.69 6.72 -27.62
N HIS D 52 -24.28 7.61 -26.70
CA HIS D 52 -22.97 7.45 -26.11
C HIS D 52 -22.95 7.95 -24.68
N SER D 53 -21.97 7.44 -23.93
CA SER D 53 -21.73 7.79 -22.52
C SER D 53 -21.11 9.18 -22.40
N ASP D 54 -21.12 9.70 -21.18
CA ASP D 54 -20.49 10.97 -20.88
C ASP D 54 -18.98 10.82 -20.77
N LEU D 55 -18.26 11.81 -21.31
CA LEU D 55 -16.80 11.75 -21.33
C LEU D 55 -16.24 11.69 -19.91
N SER D 56 -15.48 10.65 -19.62
CA SER D 56 -14.79 10.49 -18.34
C SER D 56 -13.37 10.01 -18.62
N PHE D 57 -12.59 9.85 -17.57
CA PHE D 57 -11.21 9.46 -17.75
C PHE D 57 -10.73 8.66 -16.54
N SER D 58 -9.59 8.01 -16.73
CA SER D 58 -9.02 7.07 -15.78
C SER D 58 -7.98 7.81 -14.96
N LYS D 59 -7.35 7.10 -14.02
CA LYS D 59 -6.39 7.77 -13.13
C LYS D 59 -5.21 8.34 -13.92
N ASP D 60 -4.85 7.73 -15.05
CA ASP D 60 -3.75 8.23 -15.86
C ASP D 60 -4.18 9.37 -16.78
N TRP D 61 -5.41 9.85 -16.65
CA TRP D 61 -5.98 11.01 -17.34
C TRP D 61 -6.47 10.68 -18.76
N SER D 62 -6.41 9.42 -19.18
CA SER D 62 -6.87 9.03 -20.52
C SER D 62 -8.38 8.82 -20.53
N PHE D 63 -8.99 9.11 -21.68
CA PHE D 63 -10.43 9.21 -21.79
C PHE D 63 -11.02 7.87 -22.18
N TYR D 64 -12.31 7.68 -21.87
CA TYR D 64 -13.04 6.54 -22.40
C TYR D 64 -14.45 6.97 -22.79
N LEU D 65 -15.00 6.28 -23.79
CA LEU D 65 -16.35 6.51 -24.27
C LEU D 65 -17.00 5.20 -24.68
N LEU D 66 -18.29 5.08 -24.40
CA LEU D 66 -19.09 3.95 -24.85
C LEU D 66 -20.14 4.45 -25.84
N TYR D 67 -20.13 3.90 -27.04
CA TYR D 67 -21.18 4.12 -28.03
C TYR D 67 -22.01 2.86 -28.14
N TYR D 68 -23.32 3.01 -28.27
CA TYR D 68 -24.17 1.83 -28.24
C TYR D 68 -25.48 2.08 -28.96
N THR D 69 -26.07 0.98 -29.44
CA THR D 69 -27.37 0.98 -30.07
C THR D 69 -28.01 -0.40 -29.89
N GLU D 70 -29.34 -0.43 -29.84
CA GLU D 70 -30.06 -1.69 -29.88
C GLU D 70 -29.99 -2.28 -31.28
N PHE D 71 -29.82 -3.59 -31.36
CA PHE D 71 -29.78 -4.25 -32.66
C PHE D 71 -30.24 -5.69 -32.50
N THR D 72 -30.62 -6.29 -33.62
CA THR D 72 -30.95 -7.72 -33.68
C THR D 72 -30.00 -8.39 -34.65
N PRO D 73 -29.05 -9.19 -34.16
CA PRO D 73 -28.09 -9.83 -35.06
C PRO D 73 -28.78 -10.79 -36.00
N THR D 74 -28.29 -10.85 -37.23
CA THR D 74 -28.72 -11.82 -38.21
C THR D 74 -27.50 -12.55 -38.75
N GLU D 75 -27.77 -13.55 -39.59
CA GLU D 75 -26.70 -14.32 -40.21
C GLU D 75 -25.87 -13.44 -41.13
N LYS D 76 -26.53 -12.65 -41.97
CA LYS D 76 -25.90 -11.93 -43.07
C LYS D 76 -25.30 -10.58 -42.68
N ASP D 77 -25.84 -9.90 -41.66
CA ASP D 77 -25.49 -8.50 -41.44
C ASP D 77 -24.13 -8.36 -40.77
N GLU D 78 -23.30 -7.47 -41.31
CA GLU D 78 -21.96 -7.21 -40.82
C GLU D 78 -21.95 -5.91 -40.04
N TYR D 79 -21.40 -5.95 -38.83
CA TYR D 79 -21.31 -4.77 -37.98
C TYR D 79 -19.86 -4.42 -37.69
N ALA D 80 -19.58 -3.11 -37.64
CA ALA D 80 -18.23 -2.63 -37.41
C ALA D 80 -18.31 -1.28 -36.70
N CYS D 81 -17.17 -0.85 -36.17
CA CYS D 81 -17.04 0.45 -35.53
C CYS D 81 -15.93 1.23 -36.20
N ARG D 82 -16.20 2.47 -36.57
CA ARG D 82 -15.23 3.30 -37.26
C ARG D 82 -14.84 4.46 -36.35
N VAL D 83 -13.54 4.55 -36.08
CA VAL D 83 -12.96 5.53 -35.18
C VAL D 83 -11.97 6.35 -35.97
N ASN D 84 -12.03 7.67 -35.80
CA ASN D 84 -10.98 8.57 -36.25
C ASN D 84 -10.51 9.41 -35.07
N HIS D 85 -9.23 9.76 -35.11
CA HIS D 85 -8.52 10.36 -34.00
C HIS D 85 -7.23 10.91 -34.55
N VAL D 86 -6.65 11.88 -33.84
CA VAL D 86 -5.42 12.49 -34.30
C VAL D 86 -4.30 11.45 -34.36
N THR D 87 -4.37 10.42 -33.52
CA THR D 87 -3.31 9.42 -33.47
C THR D 87 -3.41 8.43 -34.61
N LEU D 88 -4.50 8.44 -35.37
CA LEU D 88 -4.70 7.49 -36.45
C LEU D 88 -4.51 8.22 -37.77
N SER D 89 -3.58 7.72 -38.59
CA SER D 89 -3.28 8.36 -39.86
C SER D 89 -4.43 8.26 -40.84
N GLN D 90 -5.25 7.21 -40.72
CA GLN D 90 -6.46 7.06 -41.49
C GLN D 90 -7.50 6.40 -40.56
N PRO D 91 -8.77 6.51 -40.92
CA PRO D 91 -9.80 5.89 -40.05
C PRO D 91 -9.53 4.41 -39.81
N LYS D 92 -9.90 3.96 -38.62
CA LYS D 92 -9.72 2.58 -38.20
C LYS D 92 -11.07 1.90 -38.07
N ILE D 93 -11.24 0.76 -38.73
CA ILE D 93 -12.46 -0.02 -38.72
C ILE D 93 -12.20 -1.32 -37.98
N VAL D 94 -12.93 -1.55 -36.90
CA VAL D 94 -12.91 -2.83 -36.19
C VAL D 94 -14.24 -3.54 -36.45
N LYS D 95 -14.16 -4.72 -37.04
CA LYS D 95 -15.35 -5.53 -37.30
C LYS D 95 -15.81 -6.25 -36.02
N TRP D 96 -17.12 -6.47 -35.93
CA TRP D 96 -17.69 -7.27 -34.85
C TRP D 96 -17.44 -8.74 -35.14
N ASP D 97 -16.79 -9.43 -34.21
CA ASP D 97 -16.54 -10.87 -34.31
C ASP D 97 -17.28 -11.51 -33.14
N ARG D 98 -18.40 -12.16 -33.45
CA ARG D 98 -19.29 -12.73 -32.43
C ARG D 98 -18.78 -14.03 -31.83
N ASP D 99 -17.66 -14.58 -32.31
CA ASP D 99 -17.24 -15.93 -31.94
C ASP D 99 -15.93 -15.88 -31.15
N MET D 100 -15.68 -14.79 -30.45
CA MET D 100 -14.46 -14.66 -29.65
C MET D 100 -14.58 -15.38 -28.31
N LYS E 1 -5.02 -7.49 13.56
CA LYS E 1 -5.68 -8.70 14.05
C LYS E 1 -4.97 -9.99 13.65
N LEU E 2 -5.13 -11.03 14.46
CA LEU E 2 -4.39 -12.28 14.35
C LEU E 2 -5.09 -13.22 13.36
N SER E 3 -4.35 -14.21 12.87
CA SER E 3 -4.97 -15.15 11.94
C SER E 3 -5.48 -16.35 12.74
N HIS E 4 -6.65 -16.83 12.36
CA HIS E 4 -7.31 -17.95 13.02
C HIS E 4 -6.82 -19.29 12.49
N GLN E 5 -6.07 -19.28 11.39
CA GLN E 5 -5.66 -20.51 10.73
C GLN E 5 -4.67 -21.26 11.61
N LEU E 6 -4.83 -22.58 11.65
CA LEU E 6 -3.87 -23.44 12.33
C LEU E 6 -2.81 -23.86 11.33
N VAL E 7 -1.55 -23.65 11.69
CA VAL E 7 -0.42 -23.93 10.82
C VAL E 7 0.56 -24.79 11.60
N LEU E 8 0.88 -25.96 11.07
CA LEU E 8 1.82 -26.88 11.69
C LEU E 8 2.97 -27.21 10.76
N LEU E 9 4.19 -27.12 11.27
CA LEU E 9 5.38 -27.54 10.54
C LEU E 9 5.37 -29.06 10.36
N LYS F 1 -22.05 15.08 -2.97
CA LYS F 1 -22.18 16.36 -3.68
C LYS F 1 -20.86 17.11 -3.83
N LEU F 2 -20.99 18.16 -4.62
CA LEU F 2 -19.92 18.96 -5.18
C LEU F 2 -19.41 19.95 -4.13
N SER F 3 -18.23 20.49 -4.36
CA SER F 3 -17.61 21.38 -3.39
C SER F 3 -18.00 22.83 -3.68
N HIS F 4 -18.13 23.60 -2.60
CA HIS F 4 -18.56 24.99 -2.73
C HIS F 4 -17.38 25.89 -3.08
N GLN F 5 -16.17 25.42 -2.82
CA GLN F 5 -14.97 26.24 -2.91
C GLN F 5 -14.57 26.54 -4.35
N LEU F 6 -14.12 27.77 -4.59
CA LEU F 6 -13.54 28.16 -5.86
C LEU F 6 -12.02 27.96 -5.82
N VAL F 7 -11.49 27.32 -6.86
CA VAL F 7 -10.06 27.02 -6.97
C VAL F 7 -9.55 27.49 -8.32
N LEU F 8 -8.47 28.26 -8.31
CA LEU F 8 -7.84 28.77 -9.53
C LEU F 8 -6.39 28.31 -9.59
N LEU F 9 -6.00 27.79 -10.75
CA LEU F 9 -4.62 27.39 -10.98
C LEU F 9 -3.68 28.59 -11.05
C1 PEG G . 0.70 -35.88 4.84
O1 PEG G . 1.32 -37.14 4.65
C2 PEG G . 1.13 -34.88 3.82
O2 PEG G . 0.16 -33.85 3.71
C3 PEG G . -0.40 -33.48 4.96
C4 PEG G . -1.59 -32.59 4.72
O4 PEG G . -1.36 -31.71 3.64
O1 MES H . -11.25 -24.55 -34.72
C2 MES H . -10.43 -25.67 -34.36
C3 MES H . -10.65 -26.22 -32.95
N4 MES H . -11.43 -25.30 -32.13
C5 MES H . -12.25 -24.23 -32.68
C6 MES H . -11.33 -23.60 -33.68
C7 MES H . -11.81 -25.75 -30.79
C8 MES H . -13.31 -25.78 -30.78
S MES H . -14.01 -24.98 -29.49
O1S MES H . -14.40 -23.62 -29.92
O2S MES H . -13.08 -24.93 -28.34
O3S MES H . -15.23 -25.73 -29.15
C1 GOL I . -19.97 -11.59 -26.95
O1 GOL I . -19.38 -10.56 -27.66
C2 GOL I . -19.93 -11.21 -25.47
O2 GOL I . -20.23 -9.87 -25.28
C3 GOL I . -20.94 -12.13 -24.82
O3 GOL I . -21.25 -11.58 -23.58
#